data_7BYK
#
_entry.id   7BYK
#
_cell.length_a   66.996
_cell.length_b   74.198
_cell.length_c   201.585
_cell.angle_alpha   90.000
_cell.angle_beta   90.000
_cell.angle_gamma   90.000
#
_symmetry.space_group_name_H-M   'P 21 21 21'
#
loop_
_entity.id
_entity.type
_entity.pdbx_description
1 polymer LegK7
2 water water
#
_entity_poly.entity_id   1
_entity_poly.type   'polypeptide(L)'
_entity_poly.pdbx_seq_one_letter_code
;GSAKDPMPLNLPPKSSKNTMPLVIAYNNAPEDDKIQKLFYLQKINYLLNKTQLNDDLFDWINDAEEGGWLNELAKFSINP
NASFFLKGMQFAKAITEEIKNKPEINSSEVNIYHLMQERDQLLKEVEFEKCATRYAEINFLLNELALNDKKTKEIVERQT
EILRLVAPKIKAIKGESIDNLPVIPSYKTKELGNHVNNFNFKFTMSGWEAPFVFRVEDRHELGKEQELHSYGVSKYFIED
YSVFMMRFKAEDGSTVYKPVILSQFANQNNLEEIAKQLKDGSPKNIAPRIGYYFVQLTDFCLKLIETHNYHPDIKLNNFL
VHNNRVLVSDRKTFTTNDNPLASEILTSPLFAPDEFLKCLLFNKEGDPVGYNRNALWKRMNMPQFMAYQLGMALKQFLIL
TQLDELPDDFRNPDHSAVSHFKTPSRQIINLSLLVQELTRLDPDKRMTIKQFQTLLNFKNLPPDAFYQKVEEVFPSS
;
_entity_poly.pdbx_strand_id   A,B
#
# COMPACT_ATOMS: atom_id res chain seq x y z
N PRO A 6 46.20 9.63 -6.67
CA PRO A 6 45.26 8.74 -7.36
C PRO A 6 44.78 9.33 -8.69
N MET A 7 44.89 8.55 -9.75
CA MET A 7 44.65 9.08 -11.09
C MET A 7 43.19 9.54 -11.23
N PRO A 8 42.96 10.74 -11.77
CA PRO A 8 41.59 11.23 -11.90
C PRO A 8 40.83 10.52 -13.01
N LEU A 9 39.54 10.81 -13.06
CA LEU A 9 38.65 10.25 -14.07
C LEU A 9 38.83 11.02 -15.38
N ASN A 10 39.10 10.29 -16.47
CA ASN A 10 39.29 10.94 -17.76
C ASN A 10 38.06 11.77 -18.13
N LEU A 11 38.31 12.95 -18.69
CA LEU A 11 37.22 13.81 -19.10
C LEU A 11 36.43 13.16 -20.24
N PRO A 12 35.13 13.40 -20.32
CA PRO A 12 34.33 12.83 -21.41
C PRO A 12 34.80 13.36 -22.76
N PRO A 13 34.53 12.65 -23.84
CA PRO A 13 34.97 13.12 -25.16
C PRO A 13 34.30 14.43 -25.54
N LYS A 14 35.04 15.26 -26.27
CA LYS A 14 34.51 16.56 -26.68
C LYS A 14 33.30 16.42 -27.58
N SER A 15 33.15 15.27 -28.26
CA SER A 15 31.98 15.04 -29.10
C SER A 15 30.71 14.87 -28.28
N SER A 16 30.84 14.39 -27.04
CA SER A 16 29.71 14.15 -26.15
C SER A 16 30.15 14.49 -24.73
N LYS A 17 30.07 15.78 -24.39
CA LYS A 17 30.60 16.29 -23.13
C LYS A 17 29.50 16.82 -22.21
N ASN A 18 28.29 16.26 -22.28
CA ASN A 18 27.23 16.71 -21.37
C ASN A 18 27.57 16.39 -19.92
N THR A 19 28.31 15.30 -19.69
CA THR A 19 28.74 14.90 -18.36
C THR A 19 29.97 15.68 -17.88
N MET A 20 30.50 16.60 -18.69
CA MET A 20 31.70 17.35 -18.32
C MET A 20 31.61 17.98 -16.93
N PRO A 21 30.57 18.74 -16.56
CA PRO A 21 30.54 19.31 -15.20
C PRO A 21 30.51 18.26 -14.12
N LEU A 22 29.87 17.11 -14.36
CA LEU A 22 29.79 16.07 -13.35
C LEU A 22 31.14 15.40 -13.16
N VAL A 23 31.89 15.21 -14.26
CA VAL A 23 33.25 14.67 -14.18
C VAL A 23 34.18 15.64 -13.46
N ILE A 24 34.08 16.95 -13.76
CA ILE A 24 34.93 17.91 -13.06
C ILE A 24 34.60 17.93 -11.58
N ALA A 25 33.31 17.87 -11.25
CA ALA A 25 32.90 17.84 -9.84
C ALA A 25 33.39 16.57 -9.15
N TYR A 26 33.37 15.43 -9.87
CA TYR A 26 33.86 14.18 -9.29
C TYR A 26 35.34 14.27 -8.99
N ASN A 27 36.11 14.87 -9.90
CA ASN A 27 37.55 14.96 -9.72
C ASN A 27 37.94 16.02 -8.69
N ASN A 28 37.12 17.07 -8.52
CA ASN A 28 37.42 18.08 -7.53
C ASN A 28 36.94 17.72 -6.14
N ALA A 29 36.18 16.64 -5.99
CA ALA A 29 35.78 16.22 -4.65
C ALA A 29 37.01 15.66 -3.93
N PRO A 30 37.14 15.94 -2.63
CA PRO A 30 38.30 15.41 -1.90
C PRO A 30 38.33 13.90 -1.93
N GLU A 31 39.55 13.35 -2.08
CA GLU A 31 39.70 11.91 -2.30
C GLU A 31 39.08 11.07 -1.19
N ASP A 32 39.09 11.56 0.05
CA ASP A 32 38.48 10.84 1.16
C ASP A 32 37.02 11.21 1.37
N ASP A 33 36.47 12.11 0.55
CA ASP A 33 35.04 12.41 0.57
C ASP A 33 34.31 11.44 -0.37
N LYS A 34 34.21 10.20 0.07
CA LYS A 34 33.69 9.12 -0.77
C LYS A 34 32.23 9.32 -1.15
N ILE A 35 31.42 9.88 -0.25
CA ILE A 35 30.01 10.07 -0.54
C ILE A 35 29.81 11.10 -1.66
N GLN A 36 30.62 12.16 -1.67
CA GLN A 36 30.57 13.09 -2.80
C GLN A 36 31.10 12.44 -4.07
N LYS A 37 32.11 11.59 -3.95
CA LYS A 37 32.54 10.76 -5.07
C LYS A 37 31.40 9.91 -5.60
N LEU A 38 30.66 9.26 -4.70
CA LEU A 38 29.58 8.38 -5.12
C LEU A 38 28.42 9.18 -5.70
N PHE A 39 28.18 10.38 -5.18
CA PHE A 39 27.06 11.18 -5.65
C PHE A 39 27.27 11.61 -7.10
N TYR A 40 28.47 12.09 -7.44
CA TYR A 40 28.72 12.47 -8.82
C TYR A 40 28.94 11.27 -9.72
N LEU A 41 29.36 10.14 -9.16
CA LEU A 41 29.32 8.90 -9.91
C LEU A 41 27.88 8.54 -10.28
N GLN A 42 26.94 8.70 -9.34
CA GLN A 42 25.54 8.38 -9.62
C GLN A 42 24.89 9.41 -10.52
N LYS A 43 25.33 10.68 -10.46
CA LYS A 43 24.82 11.69 -11.37
C LYS A 43 25.26 11.44 -12.80
N ILE A 44 26.53 11.05 -12.99
CA ILE A 44 27.02 10.71 -14.33
C ILE A 44 26.21 9.55 -14.90
N ASN A 45 25.99 8.53 -14.10
CA ASN A 45 25.23 7.37 -14.56
C ASN A 45 23.81 7.76 -14.91
N TYR A 46 23.18 8.60 -14.09
CA TYR A 46 21.82 9.04 -14.39
C TYR A 46 21.75 9.77 -15.72
N LEU A 47 22.73 10.65 -16.00
CA LEU A 47 22.74 11.38 -17.26
C LEU A 47 23.15 10.49 -18.42
N LEU A 48 24.04 9.52 -18.18
CA LEU A 48 24.39 8.57 -19.23
C LEU A 48 23.16 7.76 -19.66
N ASN A 49 22.27 7.43 -18.71
CA ASN A 49 21.11 6.61 -19.05
C ASN A 49 20.11 7.34 -19.94
N LYS A 50 20.12 8.67 -19.98
CA LYS A 50 19.24 9.43 -20.86
C LYS A 50 20.04 10.14 -21.96
N THR A 51 21.13 9.55 -22.41
CA THR A 51 22.00 10.15 -23.43
C THR A 51 22.12 9.21 -24.61
N GLN A 52 21.92 9.75 -25.81
CA GLN A 52 22.23 9.01 -27.02
C GLN A 52 23.75 8.89 -27.18
N LEU A 53 24.24 7.66 -27.32
CA LEU A 53 25.67 7.40 -27.37
C LEU A 53 26.24 7.60 -28.77
N ASN A 54 27.55 7.85 -28.82
CA ASN A 54 28.33 7.83 -30.05
C ASN A 54 29.58 6.99 -29.81
N ASP A 55 30.32 6.72 -30.89
CA ASP A 55 31.46 5.82 -30.80
C ASP A 55 32.46 6.30 -29.75
N ASP A 56 32.67 7.61 -29.65
CA ASP A 56 33.66 8.11 -28.69
C ASP A 56 33.13 8.03 -27.26
N LEU A 57 31.84 8.33 -27.04
CA LEU A 57 31.30 8.20 -25.69
C LEU A 57 31.13 6.75 -25.30
N PHE A 58 30.83 5.88 -26.26
CA PHE A 58 30.75 4.46 -25.95
C PHE A 58 32.10 3.94 -25.47
N ASP A 59 33.19 4.38 -26.11
CA ASP A 59 34.52 4.00 -25.64
C ASP A 59 34.75 4.49 -24.21
N TRP A 60 34.25 5.70 -23.89
CA TRP A 60 34.51 6.30 -22.59
C TRP A 60 33.83 5.52 -21.46
N ILE A 61 32.59 5.08 -21.67
CA ILE A 61 31.90 4.36 -20.60
C ILE A 61 32.39 2.92 -20.46
N ASN A 62 33.23 2.45 -21.39
CA ASN A 62 33.76 1.09 -21.34
C ASN A 62 35.26 1.05 -21.10
N ASP A 63 35.82 2.12 -20.53
CA ASP A 63 37.24 2.17 -20.19
C ASP A 63 37.39 1.59 -18.78
N ALA A 64 38.03 0.44 -18.68
CA ALA A 64 38.30 -0.21 -17.40
C ALA A 64 39.73 -0.01 -16.92
N GLU A 65 40.56 0.67 -17.71
CA GLU A 65 41.89 1.03 -17.27
C GLU A 65 41.79 2.14 -16.22
N GLU A 66 42.92 2.41 -15.57
CA GLU A 66 42.93 3.44 -14.55
C GLU A 66 42.61 4.79 -15.19
N GLY A 67 41.68 5.53 -14.56
CA GLY A 67 41.16 6.74 -15.13
C GLY A 67 39.92 6.55 -15.95
N GLY A 68 39.51 5.30 -16.19
CA GLY A 68 38.32 5.01 -16.96
C GLY A 68 37.08 4.93 -16.09
N TRP A 69 35.94 5.18 -16.73
CA TRP A 69 34.65 5.15 -16.04
C TRP A 69 34.44 3.83 -15.27
N LEU A 70 34.74 2.69 -15.91
CA LEU A 70 34.48 1.41 -15.27
C LEU A 70 35.38 1.17 -14.07
N ASN A 71 36.59 1.72 -14.07
CA ASN A 71 37.48 1.58 -12.92
C ASN A 71 36.97 2.38 -11.73
N GLU A 72 36.34 3.54 -11.99
CA GLU A 72 35.72 4.29 -10.90
C GLU A 72 34.55 3.52 -10.30
N LEU A 73 33.73 2.87 -11.15
CA LEU A 73 32.64 2.06 -10.64
C LEU A 73 33.16 0.87 -9.83
N ALA A 74 34.21 0.21 -10.32
CA ALA A 74 34.74 -0.97 -9.64
C ALA A 74 35.23 -0.63 -8.24
N LYS A 75 35.66 0.61 -7.99
CA LYS A 75 36.13 0.99 -6.66
C LYS A 75 35.04 0.84 -5.62
N PHE A 76 33.76 0.90 -6.03
CA PHE A 76 32.63 0.84 -5.11
C PHE A 76 31.73 -0.37 -5.37
N SER A 77 32.22 -1.36 -6.12
CA SER A 77 31.50 -2.59 -6.40
C SER A 77 30.14 -2.32 -7.05
N ILE A 78 30.12 -1.34 -7.96
CA ILE A 78 28.94 -1.01 -8.73
C ILE A 78 29.08 -1.68 -10.09
N ASN A 79 28.11 -2.53 -10.41
CA ASN A 79 28.09 -3.29 -11.66
C ASN A 79 27.51 -2.45 -12.78
N PRO A 80 28.28 -2.12 -13.82
CA PRO A 80 27.74 -1.26 -14.90
C PRO A 80 26.60 -1.91 -15.68
N ASN A 81 26.40 -3.22 -15.55
CA ASN A 81 25.35 -3.96 -16.24
C ASN A 81 24.14 -4.24 -15.35
N ALA A 82 24.13 -3.73 -14.13
CA ALA A 82 23.01 -3.98 -13.22
C ALA A 82 21.74 -3.31 -13.73
N SER A 83 20.60 -3.85 -13.29
CA SER A 83 19.32 -3.22 -13.61
C SER A 83 19.18 -1.90 -12.87
N PHE A 84 18.23 -1.07 -13.32
CA PHE A 84 18.04 0.23 -12.70
C PHE A 84 17.84 0.10 -11.20
N PHE A 85 17.07 -0.89 -10.78
CA PHE A 85 16.84 -1.06 -9.35
C PHE A 85 18.11 -1.52 -8.64
N LEU A 86 18.73 -2.60 -9.14
CA LEU A 86 19.90 -3.15 -8.46
C LEU A 86 21.08 -2.18 -8.45
N LYS A 87 21.30 -1.46 -9.56
CA LYS A 87 22.42 -0.51 -9.59
C LYS A 87 22.25 0.58 -8.54
N GLY A 88 21.01 1.07 -8.38
CA GLY A 88 20.75 2.03 -7.31
C GLY A 88 21.03 1.46 -5.94
N MET A 89 20.73 0.18 -5.74
CA MET A 89 20.95 -0.44 -4.44
C MET A 89 22.43 -0.68 -4.17
N GLN A 90 23.22 -0.99 -5.22
CA GLN A 90 24.66 -1.09 -5.04
C GLN A 90 25.26 0.26 -4.69
N PHE A 91 24.69 1.34 -5.25
CA PHE A 91 25.08 2.68 -4.84
C PHE A 91 24.72 2.93 -3.38
N ALA A 92 23.53 2.50 -2.96
CA ALA A 92 23.11 2.72 -1.59
C ALA A 92 23.96 1.96 -0.58
N LYS A 93 24.47 0.77 -0.93
CA LYS A 93 25.32 0.07 0.02
C LYS A 93 26.70 0.73 0.12
N ALA A 94 27.28 1.12 -1.01
CA ALA A 94 28.61 1.75 -0.97
C ALA A 94 28.59 3.05 -0.20
N ILE A 95 27.50 3.83 -0.33
CA ILE A 95 27.39 5.10 0.40
C ILE A 95 27.18 4.84 1.88
N THR A 96 26.37 3.83 2.23
CA THR A 96 26.13 3.51 3.63
C THR A 96 27.42 3.12 4.34
N GLU A 97 28.27 2.34 3.66
CA GLU A 97 29.55 1.92 4.23
C GLU A 97 30.42 3.11 4.63
N GLU A 98 30.22 4.29 4.02
CA GLU A 98 31.02 5.46 4.29
C GLU A 98 30.35 6.44 5.27
N ILE A 99 29.19 6.08 5.82
CA ILE A 99 28.51 6.94 6.78
C ILE A 99 29.08 6.76 8.18
N GLU A 109 8.74 1.01 7.33
CA GLU A 109 7.91 2.18 7.62
C GLU A 109 8.03 3.25 6.55
N VAL A 110 8.97 3.08 5.61
CA VAL A 110 9.25 4.07 4.58
C VAL A 110 8.92 3.46 3.22
N ASN A 111 8.66 4.33 2.24
CA ASN A 111 8.24 3.93 0.91
C ASN A 111 9.45 3.97 -0.02
N ILE A 112 9.79 2.82 -0.61
CA ILE A 112 10.98 2.73 -1.45
C ILE A 112 10.83 3.55 -2.73
N TYR A 113 9.62 3.66 -3.27
CA TYR A 113 9.45 4.41 -4.51
C TYR A 113 9.51 5.91 -4.30
N HIS A 114 9.03 6.40 -3.15
CA HIS A 114 9.23 7.81 -2.81
C HIS A 114 10.70 8.11 -2.65
N LEU A 115 11.44 7.22 -1.98
CA LEU A 115 12.88 7.37 -1.82
C LEU A 115 13.59 7.44 -3.17
N MET A 116 13.32 6.49 -4.05
CA MET A 116 13.96 6.48 -5.36
C MET A 116 13.62 7.73 -6.17
N GLN A 117 12.37 8.20 -6.08
CA GLN A 117 12.00 9.42 -6.80
C GLN A 117 12.72 10.63 -6.23
N GLU A 118 12.82 10.72 -4.90
CA GLU A 118 13.52 11.85 -4.29
C GLU A 118 14.99 11.86 -4.68
N ARG A 119 15.64 10.70 -4.65
CA ARG A 119 17.04 10.63 -5.05
C ARG A 119 17.21 10.99 -6.53
N ASP A 120 16.29 10.52 -7.38
CA ASP A 120 16.42 10.79 -8.81
C ASP A 120 16.28 12.28 -9.12
N GLN A 121 15.46 12.99 -8.34
CA GLN A 121 15.33 14.42 -8.56
C GLN A 121 16.63 15.13 -8.23
N LEU A 122 17.32 14.71 -7.17
CA LEU A 122 18.64 15.26 -6.85
C LEU A 122 19.63 14.95 -7.96
N LEU A 123 19.67 13.70 -8.42
CA LEU A 123 20.58 13.33 -9.50
C LEU A 123 20.27 14.10 -10.77
N LYS A 124 19.01 14.49 -10.97
CA LYS A 124 18.59 15.14 -12.20
C LYS A 124 19.06 16.60 -12.27
N GLU A 125 18.93 17.34 -11.16
CA GLU A 125 19.05 18.80 -11.22
C GLU A 125 19.83 19.45 -10.08
N VAL A 126 20.22 18.73 -9.02
CA VAL A 126 20.77 19.34 -7.81
C VAL A 126 22.25 18.99 -7.67
N GLU A 127 23.03 19.96 -7.18
CA GLU A 127 24.44 19.76 -6.89
C GLU A 127 24.63 19.32 -5.44
N PHE A 128 25.77 18.66 -5.19
CA PHE A 128 26.01 18.02 -3.91
C PHE A 128 25.95 19.00 -2.75
N GLU A 129 26.26 20.27 -3.03
CA GLU A 129 26.26 21.31 -2.00
C GLU A 129 24.92 21.39 -1.28
N LYS A 130 23.83 21.43 -2.05
CA LYS A 130 22.51 21.73 -1.54
C LYS A 130 21.74 20.52 -1.02
N CYS A 131 22.36 19.32 -0.99
CA CYS A 131 21.60 18.14 -0.59
C CYS A 131 22.48 16.99 -0.08
N ALA A 132 23.69 17.25 0.42
CA ALA A 132 24.61 16.17 0.76
C ALA A 132 24.04 15.26 1.84
N THR A 133 23.49 15.85 2.90
CA THR A 133 23.04 15.02 4.02
C THR A 133 21.74 14.28 3.70
N ARG A 134 20.81 14.92 3.00
CA ARG A 134 19.59 14.23 2.61
C ARG A 134 19.88 13.10 1.61
N TYR A 135 20.84 13.31 0.71
CA TYR A 135 21.24 12.27 -0.22
C TYR A 135 21.72 11.03 0.51
N ALA A 136 22.62 11.21 1.48
CA ALA A 136 23.08 10.07 2.27
C ALA A 136 21.95 9.49 3.11
N GLU A 137 21.02 10.34 3.57
CA GLU A 137 19.88 9.84 4.33
C GLU A 137 19.05 8.89 3.47
N ILE A 138 18.73 9.31 2.24
CA ILE A 138 17.94 8.47 1.34
C ILE A 138 18.64 7.15 1.11
N ASN A 139 19.93 7.18 0.79
CA ASN A 139 20.65 5.95 0.47
C ASN A 139 20.79 5.04 1.69
N PHE A 140 20.85 5.62 2.89
CA PHE A 140 20.83 4.80 4.09
C PHE A 140 19.50 4.08 4.23
N LEU A 141 18.40 4.80 4.00
CA LEU A 141 17.09 4.18 4.08
C LEU A 141 16.92 3.10 3.01
N LEU A 142 17.48 3.34 1.82
CA LEU A 142 17.42 2.32 0.77
C LEU A 142 18.20 1.09 1.18
N ASN A 143 19.39 1.27 1.77
CA ASN A 143 20.17 0.11 2.17
C ASN A 143 19.52 -0.60 3.35
N GLU A 144 18.80 0.14 4.19
CA GLU A 144 18.05 -0.49 5.28
C GLU A 144 16.98 -1.43 4.76
N LEU A 145 16.28 -1.03 3.70
CA LEU A 145 15.29 -1.92 3.10
C LEU A 145 15.97 -3.16 2.52
N ALA A 146 17.16 -2.99 1.94
CA ALA A 146 17.89 -4.14 1.42
C ALA A 146 18.30 -5.10 2.53
N LEU A 147 18.31 -4.66 3.78
CA LEU A 147 18.78 -5.47 4.89
C LEU A 147 17.65 -6.07 5.73
N ASN A 148 16.51 -5.41 5.82
CA ASN A 148 15.46 -5.79 6.75
C ASN A 148 14.12 -6.14 6.09
N ASP A 149 13.77 -5.50 4.98
CA ASP A 149 12.54 -5.85 4.27
C ASP A 149 12.76 -7.16 3.52
N LYS A 150 11.91 -8.16 3.81
CA LYS A 150 12.10 -9.48 3.24
C LYS A 150 12.01 -9.45 1.72
N LYS A 151 11.10 -8.65 1.17
CA LYS A 151 10.95 -8.61 -0.28
C LYS A 151 12.15 -7.95 -0.95
N THR A 152 12.60 -6.80 -0.42
CA THR A 152 13.73 -6.11 -1.03
C THR A 152 15.01 -6.94 -0.90
N LYS A 153 15.20 -7.60 0.23
CA LYS A 153 16.38 -8.44 0.41
C LYS A 153 16.37 -9.59 -0.60
N GLU A 154 15.20 -10.19 -0.85
CA GLU A 154 15.13 -11.29 -1.80
C GLU A 154 15.41 -10.82 -3.22
N ILE A 155 14.94 -9.62 -3.58
CA ILE A 155 15.17 -9.11 -4.93
C ILE A 155 16.65 -8.84 -5.15
N VAL A 156 17.32 -8.24 -4.17
CA VAL A 156 18.74 -7.94 -4.32
C VAL A 156 19.55 -9.23 -4.37
N GLU A 157 19.26 -10.18 -3.48
CA GLU A 157 20.01 -11.43 -3.48
C GLU A 157 19.80 -12.19 -4.78
N ARG A 158 18.56 -12.29 -5.24
CA ARG A 158 18.31 -13.03 -6.46
C ARG A 158 18.92 -12.34 -7.67
N GLN A 159 18.83 -11.01 -7.74
CA GLN A 159 19.33 -10.31 -8.91
C GLN A 159 20.86 -10.29 -8.95
N THR A 160 21.52 -10.26 -7.78
CA THR A 160 22.97 -10.41 -7.74
C THR A 160 23.39 -11.81 -8.19
N GLU A 161 22.63 -12.82 -7.81
CA GLU A 161 22.92 -14.19 -8.23
C GLU A 161 22.84 -14.32 -9.74
N ILE A 162 21.76 -13.80 -10.34
CA ILE A 162 21.55 -13.96 -11.78
C ILE A 162 22.57 -13.16 -12.58
N LEU A 163 22.89 -11.94 -12.11
CA LEU A 163 23.85 -11.10 -12.82
C LEU A 163 25.24 -11.74 -12.84
N ARG A 164 25.61 -12.40 -11.74
CA ARG A 164 26.89 -13.10 -11.69
C ARG A 164 26.91 -14.29 -12.64
N LEU A 165 25.84 -15.06 -12.65
CA LEU A 165 25.86 -16.32 -13.40
C LEU A 165 25.60 -16.12 -14.89
N VAL A 166 25.06 -14.97 -15.29
CA VAL A 166 24.85 -14.65 -16.69
C VAL A 166 25.99 -13.83 -17.27
N ALA A 167 26.97 -13.46 -16.43
CA ALA A 167 28.10 -12.65 -16.87
C ALA A 167 28.88 -13.23 -18.06
N PRO A 168 29.11 -14.55 -18.15
CA PRO A 168 29.72 -15.07 -19.39
C PRO A 168 28.86 -14.81 -20.61
N LYS A 169 27.53 -14.93 -20.48
CA LYS A 169 26.64 -14.67 -21.62
C LYS A 169 26.65 -13.19 -21.99
N ILE A 170 26.65 -12.31 -20.99
CA ILE A 170 26.74 -10.88 -21.29
C ILE A 170 28.04 -10.58 -22.03
N LYS A 171 29.16 -11.15 -21.58
CA LYS A 171 30.42 -10.92 -22.26
C LYS A 171 30.39 -11.47 -23.68
N ALA A 172 29.76 -12.63 -23.88
CA ALA A 172 29.76 -13.24 -25.21
C ALA A 172 28.92 -12.42 -26.19
N ILE A 173 27.74 -11.97 -25.77
CA ILE A 173 26.92 -11.18 -26.69
C ILE A 173 27.55 -9.81 -26.93
N LYS A 174 28.22 -9.24 -25.93
CA LYS A 174 28.87 -7.95 -26.11
C LYS A 174 30.04 -8.05 -27.08
N GLY A 175 30.67 -9.21 -27.17
CA GLY A 175 31.78 -9.41 -28.08
C GLY A 175 31.40 -10.03 -29.39
N GLU A 176 30.12 -10.29 -29.62
CA GLU A 176 29.66 -10.86 -30.87
C GLU A 176 29.85 -9.86 -32.01
N SER A 177 30.22 -10.38 -33.18
CA SER A 177 30.39 -9.55 -34.37
C SER A 177 29.10 -8.82 -34.71
N ILE A 178 29.24 -7.56 -35.12
CA ILE A 178 28.07 -6.73 -35.38
C ILE A 178 27.25 -7.25 -36.56
N ASP A 179 27.88 -7.99 -37.48
CA ASP A 179 27.16 -8.59 -38.60
C ASP A 179 26.35 -9.81 -38.18
N ASN A 180 26.65 -10.41 -37.03
CA ASN A 180 25.89 -11.53 -36.47
C ASN A 180 24.72 -11.06 -35.60
N LEU A 181 24.53 -9.77 -35.48
CA LEU A 181 23.44 -9.18 -34.71
C LEU A 181 22.33 -8.72 -35.65
N PRO A 182 21.14 -8.45 -35.13
CA PRO A 182 20.07 -7.95 -35.99
C PRO A 182 20.34 -6.53 -36.46
N VAL A 183 19.67 -6.18 -37.54
CA VAL A 183 19.75 -4.84 -38.13
C VAL A 183 18.57 -4.03 -37.58
N ILE A 184 18.79 -2.73 -37.38
CA ILE A 184 17.74 -1.88 -36.83
C ILE A 184 17.13 -1.00 -37.93
N ASN A 198 10.75 -6.57 -32.34
CA ASN A 198 10.81 -7.43 -31.16
C ASN A 198 12.02 -8.39 -31.23
N PHE A 199 13.23 -7.83 -31.33
CA PHE A 199 14.43 -8.62 -31.43
C PHE A 199 14.80 -9.19 -30.07
N ASN A 200 15.13 -10.48 -30.03
CA ASN A 200 15.54 -11.07 -28.76
C ASN A 200 16.37 -12.33 -28.98
N PHE A 201 17.11 -12.69 -27.93
CA PHE A 201 18.05 -13.82 -27.93
C PHE A 201 17.75 -14.69 -26.73
N LYS A 202 17.46 -15.97 -26.99
CA LYS A 202 17.04 -16.91 -25.96
C LYS A 202 18.19 -17.85 -25.61
N PHE A 203 18.31 -18.17 -24.32
CA PHE A 203 19.29 -19.16 -23.87
C PHE A 203 18.82 -19.74 -22.55
N THR A 204 19.19 -20.98 -22.30
CA THR A 204 18.78 -21.70 -21.10
C THR A 204 19.97 -21.92 -20.21
N MET A 205 19.74 -21.88 -18.90
CA MET A 205 20.78 -22.08 -17.90
C MET A 205 20.41 -23.27 -17.04
N SER A 206 21.34 -24.22 -16.94
CA SER A 206 21.13 -25.40 -16.12
C SER A 206 20.78 -25.00 -14.70
N GLY A 207 19.65 -25.50 -14.21
CA GLY A 207 19.12 -25.15 -12.91
C GLY A 207 17.94 -24.21 -12.95
N TRP A 208 17.68 -23.55 -14.08
CA TRP A 208 16.54 -22.66 -14.25
C TRP A 208 15.61 -23.25 -15.29
N GLU A 209 14.33 -23.40 -14.92
CA GLU A 209 13.35 -23.98 -15.85
C GLU A 209 13.07 -23.03 -17.01
N ALA A 210 12.65 -21.81 -16.70
CA ALA A 210 12.31 -20.84 -17.73
C ALA A 210 13.59 -20.30 -18.37
N PRO A 211 13.67 -20.24 -19.69
CA PRO A 211 14.86 -19.67 -20.32
C PRO A 211 14.98 -18.17 -20.07
N PHE A 212 16.19 -17.66 -20.28
CA PHE A 212 16.48 -16.23 -20.18
C PHE A 212 16.50 -15.60 -21.56
N VAL A 213 16.16 -14.31 -21.61
CA VAL A 213 15.99 -13.59 -22.86
C VAL A 213 16.73 -12.25 -22.80
N PHE A 214 17.63 -12.03 -23.76
CA PHE A 214 18.13 -10.71 -24.08
C PHE A 214 17.21 -10.08 -25.12
N ARG A 215 16.83 -8.81 -24.92
CA ARG A 215 15.99 -8.12 -25.88
C ARG A 215 16.56 -6.73 -26.19
N VAL A 216 16.30 -6.25 -27.41
CA VAL A 216 16.65 -4.91 -27.84
C VAL A 216 15.42 -4.02 -27.78
N GLU A 217 15.58 -2.83 -27.21
CA GLU A 217 14.47 -1.89 -27.07
C GLU A 217 14.35 -1.00 -28.30
N ASP A 218 13.16 -0.41 -28.46
CA ASP A 218 12.89 0.47 -29.60
C ASP A 218 13.44 1.87 -29.39
N ARG A 219 13.47 2.35 -28.15
CA ARG A 219 13.97 3.69 -27.86
C ARG A 219 15.48 3.75 -28.02
N HIS A 220 15.99 4.94 -28.32
CA HIS A 220 17.42 5.15 -28.48
C HIS A 220 18.14 5.38 -27.16
N GLU A 221 17.41 5.61 -26.08
CA GLU A 221 17.98 5.83 -24.76
C GLU A 221 17.06 5.21 -23.72
N LEU A 222 17.53 5.20 -22.48
CA LEU A 222 16.79 4.60 -21.37
C LEU A 222 16.17 5.64 -20.44
N GLY A 223 15.98 6.87 -20.93
CA GLY A 223 15.41 7.92 -20.09
C GLY A 223 14.04 7.55 -19.54
N LYS A 224 13.18 7.01 -20.41
CA LYS A 224 11.84 6.62 -19.96
C LYS A 224 11.90 5.38 -19.06
N GLU A 225 12.73 4.40 -19.41
CA GLU A 225 12.88 3.23 -18.56
C GLU A 225 13.45 3.61 -17.20
N GLN A 226 14.44 4.51 -17.18
CA GLN A 226 15.04 4.96 -15.93
C GLN A 226 13.99 5.60 -15.01
N GLU A 227 13.11 6.41 -15.58
CA GLU A 227 12.08 7.05 -14.78
C GLU A 227 11.04 6.04 -14.28
N LEU A 228 10.62 5.10 -15.14
CA LEU A 228 9.56 4.16 -14.78
C LEU A 228 9.90 3.34 -13.55
N HIS A 229 11.17 2.97 -13.39
CA HIS A 229 11.55 2.10 -12.29
C HIS A 229 11.66 2.83 -10.97
N SER A 230 11.52 4.15 -10.96
CA SER A 230 11.37 4.89 -9.71
C SER A 230 9.92 5.05 -9.30
N TYR A 231 8.99 4.64 -10.15
CA TYR A 231 7.55 4.77 -9.88
C TYR A 231 6.98 3.44 -9.42
N GLY A 232 5.92 3.53 -8.62
CA GLY A 232 5.33 2.33 -8.03
C GLY A 232 4.66 1.41 -9.03
N VAL A 233 4.48 1.85 -10.27
CA VAL A 233 3.92 0.97 -11.28
C VAL A 233 4.93 -0.09 -11.72
N SER A 234 6.21 0.09 -11.40
CA SER A 234 7.19 -0.91 -11.81
C SER A 234 7.05 -2.21 -11.03
N LYS A 235 6.30 -2.23 -9.93
CA LYS A 235 6.03 -3.47 -9.23
C LYS A 235 5.14 -4.41 -10.05
N TYR A 236 4.49 -3.91 -11.10
CA TYR A 236 3.76 -4.73 -12.06
C TYR A 236 4.60 -5.06 -13.30
N PHE A 237 5.88 -4.74 -13.29
CA PHE A 237 6.76 -5.03 -14.41
C PHE A 237 7.37 -6.41 -14.24
N ILE A 238 7.56 -7.10 -15.36
CA ILE A 238 8.41 -8.29 -15.34
C ILE A 238 9.84 -7.85 -15.02
N GLU A 239 10.46 -8.55 -14.08
CA GLU A 239 11.76 -8.16 -13.53
C GLU A 239 12.85 -8.23 -14.59
N ASP A 240 13.51 -7.11 -14.84
CA ASP A 240 14.71 -7.08 -15.68
C ASP A 240 15.95 -7.25 -14.82
N TYR A 241 16.93 -8.00 -15.33
CA TYR A 241 18.12 -8.37 -14.56
C TYR A 241 19.40 -7.67 -14.97
N SER A 242 19.49 -7.20 -16.21
CA SER A 242 20.70 -6.56 -16.70
C SER A 242 20.35 -5.58 -17.81
N VAL A 243 21.03 -4.44 -17.82
CA VAL A 243 20.81 -3.38 -18.82
C VAL A 243 22.16 -2.89 -19.26
N PHE A 244 22.37 -2.83 -20.58
CA PHE A 244 23.60 -2.27 -21.13
C PHE A 244 23.33 -1.85 -22.56
N MET A 245 24.22 -1.01 -23.10
CA MET A 245 24.12 -0.55 -24.47
C MET A 245 25.05 -1.35 -25.37
N MET A 246 24.67 -1.48 -26.64
CA MET A 246 25.46 -2.21 -27.61
C MET A 246 25.40 -1.54 -28.97
N ARG A 247 26.43 -1.79 -29.77
CA ARG A 247 26.50 -1.29 -31.14
C ARG A 247 25.82 -2.27 -32.09
N PHE A 248 24.95 -1.73 -32.95
CA PHE A 248 24.25 -2.48 -33.98
C PHE A 248 24.38 -1.73 -35.30
N LYS A 249 24.33 -2.49 -36.39
CA LYS A 249 24.16 -1.89 -37.71
C LYS A 249 22.71 -1.46 -37.88
N ALA A 250 22.50 -0.28 -38.43
CA ALA A 250 21.17 0.26 -38.61
C ALA A 250 20.68 0.02 -40.03
N GLU A 251 19.40 0.30 -40.24
CA GLU A 251 18.79 0.14 -41.56
C GLU A 251 19.24 1.21 -42.55
N ASP A 252 19.92 2.26 -42.08
CA ASP A 252 20.45 3.30 -42.94
C ASP A 252 21.92 3.10 -43.28
N GLY A 253 22.51 1.97 -42.89
CA GLY A 253 23.91 1.71 -43.11
C GLY A 253 24.83 2.17 -41.99
N SER A 254 24.35 3.00 -41.08
CA SER A 254 25.16 3.50 -39.99
C SER A 254 25.16 2.50 -38.83
N THR A 255 26.00 2.77 -37.84
CA THR A 255 26.00 2.00 -36.61
C THR A 255 25.25 2.79 -35.53
N VAL A 256 24.40 2.09 -34.79
CA VAL A 256 23.55 2.70 -33.78
C VAL A 256 23.77 1.95 -32.48
N TYR A 257 23.51 2.64 -31.37
CA TYR A 257 23.58 2.05 -30.04
C TYR A 257 22.17 1.92 -29.47
N LYS A 258 21.85 0.74 -28.96
CA LYS A 258 20.52 0.45 -28.44
C LYS A 258 20.65 -0.25 -27.10
N PRO A 259 19.66 -0.09 -26.21
CA PRO A 259 19.69 -0.81 -24.94
C PRO A 259 19.34 -2.28 -25.14
N VAL A 260 20.11 -3.13 -24.45
CA VAL A 260 19.85 -4.57 -24.41
C VAL A 260 19.52 -4.92 -22.97
N ILE A 261 18.36 -5.52 -22.77
CA ILE A 261 17.85 -5.81 -21.44
C ILE A 261 17.62 -7.31 -21.33
N LEU A 262 18.03 -7.88 -20.19
CA LEU A 262 17.88 -9.30 -19.92
C LEU A 262 16.75 -9.51 -18.92
N SER A 263 15.99 -10.58 -19.13
CA SER A 263 14.97 -11.03 -18.19
C SER A 263 14.77 -12.51 -18.39
N GLN A 264 13.96 -13.10 -17.52
CA GLN A 264 13.55 -14.48 -17.65
C GLN A 264 12.31 -14.56 -18.52
N PHE A 265 12.28 -15.52 -19.43
CA PHE A 265 11.11 -15.70 -20.28
C PHE A 265 9.89 -15.94 -19.40
N ALA A 266 8.80 -15.24 -19.71
CA ALA A 266 7.60 -15.27 -18.89
C ALA A 266 6.69 -16.38 -19.39
N ASN A 267 6.80 -17.54 -18.76
CA ASN A 267 6.02 -18.71 -19.14
C ASN A 267 4.80 -18.92 -18.24
N GLN A 268 4.52 -17.97 -17.34
CA GLN A 268 3.39 -18.09 -16.44
C GLN A 268 2.08 -17.93 -17.20
N ASN A 269 1.00 -18.43 -16.59
CA ASN A 269 -0.32 -18.30 -17.19
C ASN A 269 -0.73 -16.83 -17.26
N ASN A 270 -1.37 -16.45 -18.36
CA ASN A 270 -1.97 -15.13 -18.44
C ASN A 270 -3.39 -15.17 -17.86
N LEU A 271 -4.01 -13.99 -17.76
CA LEU A 271 -5.31 -13.90 -17.10
C LEU A 271 -6.41 -14.59 -17.91
N GLU A 272 -6.26 -14.68 -19.23
CA GLU A 272 -7.24 -15.40 -20.03
C GLU A 272 -7.18 -16.88 -19.73
N GLU A 273 -5.97 -17.44 -19.63
CA GLU A 273 -5.82 -18.84 -19.26
C GLU A 273 -6.34 -19.10 -17.85
N ILE A 274 -6.17 -18.13 -16.94
CA ILE A 274 -6.64 -18.30 -15.57
C ILE A 274 -8.17 -18.29 -15.51
N ALA A 275 -8.82 -17.40 -16.26
CA ALA A 275 -10.27 -17.40 -16.28
C ALA A 275 -10.80 -18.74 -16.75
N LYS A 276 -10.19 -19.30 -17.79
CA LYS A 276 -10.60 -20.62 -18.27
C LYS A 276 -10.36 -21.69 -17.22
N GLN A 277 -9.32 -21.53 -16.39
CA GLN A 277 -9.11 -22.47 -15.30
C GLN A 277 -10.22 -22.38 -14.27
N LEU A 278 -10.74 -21.18 -14.01
CA LEU A 278 -11.76 -21.00 -12.98
C LEU A 278 -13.12 -21.55 -13.40
N LYS A 279 -13.34 -21.86 -14.68
CA LYS A 279 -14.59 -22.51 -15.08
C LYS A 279 -14.68 -23.93 -14.56
N ASP A 280 -13.57 -24.67 -14.56
CA ASP A 280 -13.57 -26.06 -14.12
C ASP A 280 -13.23 -26.23 -12.65
N GLY A 281 -13.18 -25.14 -11.88
CA GLY A 281 -12.98 -25.19 -10.46
C GLY A 281 -14.27 -24.90 -9.70
N SER A 282 -14.13 -24.82 -8.37
CA SER A 282 -15.28 -24.55 -7.53
C SER A 282 -15.82 -23.15 -7.83
N PRO A 283 -17.13 -23.01 -8.06
CA PRO A 283 -17.68 -21.68 -8.37
C PRO A 283 -17.56 -20.70 -7.20
N LYS A 284 -17.36 -21.18 -5.98
CA LYS A 284 -17.20 -20.27 -4.84
C LYS A 284 -15.93 -19.44 -4.94
N ASN A 285 -14.95 -19.87 -5.73
CA ASN A 285 -13.70 -19.13 -5.88
C ASN A 285 -13.74 -18.08 -6.97
N ILE A 286 -14.76 -18.10 -7.83
CA ILE A 286 -14.80 -17.22 -9.00
C ILE A 286 -14.85 -15.76 -8.59
N ALA A 287 -15.89 -15.37 -7.85
CA ALA A 287 -16.03 -13.97 -7.42
C ALA A 287 -14.83 -13.47 -6.61
N PRO A 288 -14.31 -14.19 -5.60
CA PRO A 288 -13.16 -13.65 -4.87
C PRO A 288 -11.89 -13.58 -5.70
N ARG A 289 -11.70 -14.50 -6.66
CA ARG A 289 -10.50 -14.46 -7.47
C ARG A 289 -10.55 -13.32 -8.48
N ILE A 290 -11.73 -12.98 -8.99
CA ILE A 290 -11.86 -11.85 -9.89
C ILE A 290 -11.48 -10.55 -9.17
N GLY A 291 -12.00 -10.36 -7.97
CA GLY A 291 -11.67 -9.17 -7.21
C GLY A 291 -10.18 -9.05 -6.91
N TYR A 292 -9.56 -10.17 -6.54
CA TYR A 292 -8.13 -10.17 -6.25
C TYR A 292 -7.31 -9.72 -7.45
N TYR A 293 -7.63 -10.23 -8.64
CA TYR A 293 -6.85 -9.93 -9.83
C TYR A 293 -7.14 -8.51 -10.33
N PHE A 294 -8.40 -8.07 -10.22
CA PHE A 294 -8.81 -6.77 -10.72
C PHE A 294 -8.56 -5.65 -9.75
N VAL A 295 -8.42 -5.94 -8.45
CA VAL A 295 -7.85 -4.93 -7.56
C VAL A 295 -6.44 -4.58 -8.02
N GLN A 296 -5.66 -5.61 -8.38
CA GLN A 296 -4.30 -5.37 -8.87
C GLN A 296 -4.29 -4.72 -10.25
N LEU A 297 -5.15 -5.17 -11.16
CA LEU A 297 -5.18 -4.58 -12.50
C LEU A 297 -5.56 -3.11 -12.45
N THR A 298 -6.48 -2.75 -11.55
CA THR A 298 -6.90 -1.37 -11.44
C THR A 298 -5.77 -0.50 -10.89
N ASP A 299 -5.06 -1.02 -9.88
CA ASP A 299 -3.95 -0.27 -9.30
C ASP A 299 -2.81 -0.08 -10.30
N PHE A 300 -2.59 -1.06 -11.17
CA PHE A 300 -1.62 -0.88 -12.26
C PHE A 300 -2.04 0.27 -13.17
N CYS A 301 -3.31 0.25 -13.63
CA CYS A 301 -3.79 1.25 -14.58
C CYS A 301 -3.65 2.65 -14.01
N LEU A 302 -4.10 2.87 -12.77
CA LEU A 302 -4.01 4.19 -12.17
C LEU A 302 -2.56 4.60 -11.92
N LYS A 303 -1.71 3.67 -11.50
CA LYS A 303 -0.33 4.03 -11.21
C LYS A 303 0.45 4.32 -12.49
N LEU A 304 0.07 3.69 -13.61
CA LEU A 304 0.68 4.04 -14.88
C LEU A 304 0.24 5.43 -15.34
N ILE A 305 -1.01 5.78 -15.09
CA ILE A 305 -1.51 7.11 -15.45
C ILE A 305 -0.84 8.17 -14.60
N GLU A 306 -0.47 7.83 -13.36
CA GLU A 306 0.19 8.78 -12.47
C GLU A 306 1.53 9.23 -13.03
N THR A 307 2.17 8.41 -13.84
CA THR A 307 3.44 8.75 -14.48
C THR A 307 3.22 9.34 -15.86
N HIS A 308 1.98 9.69 -16.20
CA HIS A 308 1.62 10.17 -17.53
C HIS A 308 2.00 9.17 -18.61
N ASN A 309 1.69 7.89 -18.35
CA ASN A 309 1.85 6.80 -19.30
C ASN A 309 0.52 6.08 -19.44
N TYR A 310 0.31 5.48 -20.60
CA TYR A 310 -0.96 4.84 -20.92
C TYR A 310 -0.70 3.53 -21.64
N HIS A 311 -1.49 2.51 -21.31
CA HIS A 311 -1.37 1.21 -21.94
C HIS A 311 -2.50 1.08 -22.96
N PRO A 312 -2.21 1.14 -24.26
CA PRO A 312 -3.29 1.07 -25.25
C PRO A 312 -3.70 -0.34 -25.63
N ASP A 313 -3.10 -1.37 -25.06
CA ASP A 313 -3.42 -2.75 -25.44
C ASP A 313 -3.82 -3.56 -24.22
N ILE A 314 -4.77 -3.04 -23.44
CA ILE A 314 -5.24 -3.72 -22.24
C ILE A 314 -6.15 -4.87 -22.64
N LYS A 315 -5.72 -6.10 -22.32
CA LYS A 315 -6.51 -7.30 -22.52
C LYS A 315 -5.94 -8.40 -21.62
N LEU A 316 -6.78 -9.41 -21.35
CA LEU A 316 -6.47 -10.42 -20.34
C LEU A 316 -5.15 -11.13 -20.61
N ASN A 317 -4.89 -11.48 -21.87
CA ASN A 317 -3.70 -12.27 -22.17
C ASN A 317 -2.42 -11.43 -22.21
N ASN A 318 -2.49 -10.13 -21.95
CA ASN A 318 -1.30 -9.29 -21.80
C ASN A 318 -0.90 -9.09 -20.35
N PHE A 319 -1.49 -9.86 -19.43
CA PHE A 319 -1.12 -9.84 -18.02
C PHE A 319 -0.95 -11.27 -17.53
N LEU A 320 0.12 -11.49 -16.77
CA LEU A 320 0.39 -12.80 -16.19
C LEU A 320 0.27 -12.71 -14.68
N VAL A 321 0.29 -13.88 -14.06
CA VAL A 321 0.30 -13.98 -12.60
C VAL A 321 1.54 -14.78 -12.20
N HIS A 322 2.38 -14.17 -11.38
CA HIS A 322 3.62 -14.76 -10.90
C HIS A 322 3.66 -14.57 -9.40
N ASN A 323 3.56 -15.68 -8.66
CA ASN A 323 3.47 -15.65 -7.21
C ASN A 323 2.33 -14.74 -6.74
N ASN A 324 1.16 -14.94 -7.34
CA ASN A 324 -0.05 -14.19 -7.00
C ASN A 324 0.10 -12.70 -7.23
N ARG A 325 0.95 -12.30 -8.17
CA ARG A 325 1.09 -10.91 -8.57
C ARG A 325 0.75 -10.76 -10.05
N VAL A 326 -0.03 -9.73 -10.37
CA VAL A 326 -0.30 -9.41 -11.76
C VAL A 326 0.88 -8.64 -12.34
N LEU A 327 1.38 -9.10 -13.47
CA LEU A 327 2.48 -8.45 -14.19
C LEU A 327 2.03 -8.15 -15.62
N VAL A 328 2.40 -6.97 -16.13
CA VAL A 328 2.10 -6.64 -17.52
C VAL A 328 3.06 -7.41 -18.41
N SER A 329 2.56 -7.93 -19.53
CA SER A 329 3.35 -8.87 -20.33
C SER A 329 4.56 -8.18 -20.95
N ASP A 330 4.37 -6.97 -21.47
CA ASP A 330 5.50 -6.17 -21.94
C ASP A 330 5.08 -4.72 -21.88
N ARG A 331 6.06 -3.84 -21.97
CA ARG A 331 5.81 -2.40 -21.94
C ARG A 331 6.14 -1.75 -23.27
N LYS A 332 6.28 -2.55 -24.33
CA LYS A 332 6.60 -2.01 -25.64
C LYS A 332 5.53 -1.04 -26.14
N THR A 333 4.27 -1.21 -25.73
CA THR A 333 3.18 -0.40 -26.28
C THR A 333 2.85 0.83 -25.42
N PHE A 334 3.48 1.00 -24.26
CA PHE A 334 3.21 2.17 -23.43
C PHE A 334 3.37 3.44 -24.24
N THR A 335 2.52 4.43 -23.96
CA THR A 335 2.58 5.73 -24.60
C THR A 335 2.50 6.83 -23.55
N THR A 336 3.21 7.92 -23.80
CA THR A 336 3.15 9.09 -22.93
C THR A 336 2.06 10.06 -23.36
N ASN A 337 1.51 9.91 -24.55
CA ASN A 337 0.49 10.80 -25.09
C ASN A 337 -0.91 10.39 -24.61
N ASP A 338 -1.60 11.30 -23.93
CA ASP A 338 -2.95 11.00 -23.47
C ASP A 338 -4.01 11.23 -24.55
N ASN A 339 -3.67 11.90 -25.65
CA ASN A 339 -4.60 12.14 -26.75
C ASN A 339 -3.94 11.84 -28.08
N PRO A 340 -3.60 10.57 -28.33
CA PRO A 340 -2.95 10.23 -29.60
C PRO A 340 -3.95 10.00 -30.72
N LEU A 341 -3.43 10.07 -31.94
CA LEU A 341 -4.19 9.69 -33.10
C LEU A 341 -4.35 8.17 -33.14
N ALA A 342 -5.38 7.72 -33.86
CA ALA A 342 -5.60 6.30 -34.01
C ALA A 342 -4.36 5.59 -34.54
N SER A 343 -3.65 6.23 -35.47
CA SER A 343 -2.49 5.64 -36.11
C SER A 343 -1.22 5.72 -35.26
N GLU A 344 -1.32 6.17 -34.01
CA GLU A 344 -0.18 6.35 -33.13
C GLU A 344 -0.19 5.42 -31.93
N ILE A 345 -1.15 4.51 -31.86
CA ILE A 345 -1.21 3.51 -30.79
C ILE A 345 -1.47 2.15 -31.43
N LEU A 346 -0.84 1.12 -30.87
CA LEU A 346 -1.12 -0.27 -31.24
C LEU A 346 -2.11 -0.84 -30.23
N THR A 347 -3.22 -1.36 -30.71
CA THR A 347 -4.22 -1.99 -29.84
C THR A 347 -4.72 -3.26 -30.50
N SER A 348 -5.67 -3.91 -29.82
CA SER A 348 -6.32 -5.11 -30.32
C SER A 348 -7.76 -4.79 -30.68
N PRO A 349 -8.15 -4.86 -31.97
CA PRO A 349 -9.50 -4.41 -32.36
C PRO A 349 -10.64 -5.14 -31.67
N LEU A 350 -10.44 -6.41 -31.27
CA LEU A 350 -11.51 -7.14 -30.59
C LEU A 350 -11.93 -6.45 -29.30
N PHE A 351 -10.97 -5.87 -28.56
CA PHE A 351 -11.25 -5.21 -27.30
C PHE A 351 -11.20 -3.69 -27.40
N ALA A 352 -11.17 -3.14 -28.62
CA ALA A 352 -11.00 -1.71 -28.89
C ALA A 352 -12.34 -0.98 -28.82
N PRO A 353 -12.36 0.22 -28.26
CA PRO A 353 -13.61 1.00 -28.23
C PRO A 353 -13.99 1.49 -29.62
N ASP A 354 -15.26 1.88 -29.74
CA ASP A 354 -15.81 2.23 -31.05
C ASP A 354 -15.18 3.50 -31.61
N GLU A 355 -14.74 4.42 -30.75
CA GLU A 355 -14.04 5.60 -31.25
C GLU A 355 -12.75 5.21 -31.96
N PHE A 356 -12.15 4.09 -31.59
CA PHE A 356 -10.98 3.60 -32.31
C PHE A 356 -11.37 2.82 -33.55
N LEU A 357 -12.46 2.04 -33.47
CA LEU A 357 -12.86 1.23 -34.62
C LEU A 357 -13.35 2.09 -35.77
N LYS A 358 -13.95 3.24 -35.48
CA LYS A 358 -14.41 4.12 -36.55
C LYS A 358 -13.27 4.73 -37.34
N CYS A 359 -12.02 4.60 -36.89
CA CYS A 359 -10.88 5.12 -37.63
C CYS A 359 -10.23 4.08 -38.54
N LEU A 360 -10.75 2.86 -38.59
CA LEU A 360 -10.10 1.77 -39.29
C LEU A 360 -10.82 1.43 -40.59
N LEU A 361 -10.05 0.89 -41.53
CA LEU A 361 -10.54 0.35 -42.78
C LEU A 361 -10.51 -1.17 -42.66
N PHE A 362 -11.60 -1.83 -43.08
CA PHE A 362 -11.75 -3.26 -42.83
C PHE A 362 -11.72 -4.09 -44.10
N ASN A 363 -11.40 -5.36 -43.89
CA ASN A 363 -11.15 -6.37 -44.92
C ASN A 363 -12.46 -6.92 -45.47
N LYS A 364 -12.32 -7.81 -46.47
CA LYS A 364 -13.45 -8.64 -46.86
C LYS A 364 -13.77 -9.67 -45.78
N GLU A 365 -12.75 -10.18 -45.10
CA GLU A 365 -12.94 -11.09 -43.98
C GLU A 365 -13.46 -10.37 -42.73
N GLY A 366 -13.36 -9.04 -42.69
CA GLY A 366 -13.72 -8.29 -41.52
C GLY A 366 -12.55 -7.84 -40.66
N ASP A 367 -11.33 -7.90 -41.19
CA ASP A 367 -10.08 -7.60 -40.51
C ASP A 367 -9.69 -6.14 -40.78
N PRO A 368 -9.25 -5.41 -39.76
CA PRO A 368 -8.75 -4.05 -40.02
C PRO A 368 -7.54 -4.12 -40.94
N VAL A 369 -7.67 -3.50 -42.11
CA VAL A 369 -6.62 -3.54 -43.12
C VAL A 369 -5.82 -2.25 -43.04
N GLY A 370 -6.46 -1.17 -42.62
CA GLY A 370 -5.75 0.09 -42.51
C GLY A 370 -6.63 1.19 -41.96
N TYR A 371 -6.23 2.42 -42.26
CA TYR A 371 -6.88 3.61 -41.75
C TYR A 371 -7.69 4.33 -42.83
N ASN A 372 -8.70 5.04 -42.40
CA ASN A 372 -9.38 5.99 -43.26
C ASN A 372 -9.05 7.40 -42.79
N ARG A 373 -9.57 8.40 -43.53
CA ARG A 373 -9.16 9.79 -43.32
C ARG A 373 -9.32 10.23 -41.87
N ASN A 374 -10.28 9.67 -41.14
CA ASN A 374 -10.51 10.04 -39.75
C ASN A 374 -9.24 9.95 -38.91
N ALA A 375 -8.43 8.91 -39.15
CA ALA A 375 -7.28 8.63 -38.29
C ALA A 375 -6.26 9.76 -38.29
N LEU A 376 -6.30 10.66 -39.28
CA LEU A 376 -5.35 11.75 -39.33
C LEU A 376 -5.66 12.86 -38.32
N TRP A 377 -6.89 12.93 -37.79
CA TRP A 377 -7.24 13.99 -36.85
C TRP A 377 -8.06 13.52 -35.66
N LYS A 378 -8.69 12.35 -35.71
CA LYS A 378 -9.50 11.85 -34.60
C LYS A 378 -8.59 11.31 -33.50
N ARG A 379 -8.81 11.76 -32.27
CA ARG A 379 -7.93 11.44 -31.16
C ARG A 379 -8.66 10.64 -30.08
N MET A 380 -7.90 9.85 -29.33
CA MET A 380 -8.41 9.02 -28.24
C MET A 380 -8.06 9.65 -26.90
N ASN A 381 -9.04 9.66 -26.01
CA ASN A 381 -8.81 10.07 -24.62
C ASN A 381 -8.37 8.83 -23.87
N MET A 382 -7.06 8.70 -23.67
CA MET A 382 -6.45 7.49 -23.11
C MET A 382 -7.07 7.00 -21.80
N PRO A 383 -7.32 7.84 -20.79
CA PRO A 383 -7.94 7.31 -19.56
C PRO A 383 -9.35 6.76 -19.77
N GLN A 384 -10.09 7.26 -20.76
CA GLN A 384 -11.38 6.66 -21.08
C GLN A 384 -11.22 5.47 -22.03
N PHE A 385 -10.12 5.46 -22.80
CA PHE A 385 -9.77 4.29 -23.61
C PHE A 385 -9.42 3.10 -22.71
N MET A 386 -8.59 3.35 -21.69
CA MET A 386 -8.22 2.29 -20.75
C MET A 386 -9.41 1.84 -19.90
N ALA A 387 -10.30 2.77 -19.55
CA ALA A 387 -11.50 2.40 -18.80
C ALA A 387 -12.35 1.41 -19.57
N TYR A 388 -12.54 1.65 -20.86
CA TYR A 388 -13.27 0.70 -21.70
C TYR A 388 -12.56 -0.64 -21.74
N GLN A 389 -11.26 -0.65 -22.03
CA GLN A 389 -10.55 -1.92 -22.19
C GLN A 389 -10.43 -2.66 -20.88
N LEU A 390 -10.30 -1.95 -19.76
CA LEU A 390 -10.34 -2.63 -18.47
C LEU A 390 -11.70 -3.24 -18.22
N GLY A 391 -12.77 -2.54 -18.63
CA GLY A 391 -14.11 -3.10 -18.51
C GLY A 391 -14.34 -4.29 -19.43
N MET A 392 -13.72 -4.28 -20.62
CA MET A 392 -13.86 -5.42 -21.51
C MET A 392 -13.03 -6.61 -21.04
N ALA A 393 -11.95 -6.36 -20.30
CA ALA A 393 -11.22 -7.46 -19.71
C ALA A 393 -12.02 -8.10 -18.60
N LEU A 394 -12.79 -7.31 -17.86
CA LEU A 394 -13.68 -7.88 -16.85
C LEU A 394 -14.80 -8.66 -17.52
N LYS A 395 -15.34 -8.15 -18.63
CA LYS A 395 -16.38 -8.87 -19.35
C LYS A 395 -15.86 -10.21 -19.88
N GLN A 396 -14.66 -10.20 -20.47
CA GLN A 396 -14.07 -11.43 -20.99
C GLN A 396 -13.75 -12.41 -19.86
N PHE A 397 -13.29 -11.90 -18.71
CA PHE A 397 -13.00 -12.76 -17.57
C PHE A 397 -14.27 -13.43 -17.05
N LEU A 398 -15.36 -12.66 -16.93
CA LEU A 398 -16.62 -13.21 -16.44
C LEU A 398 -17.16 -14.27 -17.39
N ILE A 399 -17.10 -14.04 -18.70
CA ILE A 399 -17.69 -14.97 -19.66
C ILE A 399 -16.87 -16.25 -19.74
N LEU A 400 -15.54 -16.15 -19.74
CA LEU A 400 -14.72 -17.36 -19.83
C LEU A 400 -14.87 -18.27 -18.62
N THR A 401 -15.46 -17.76 -17.55
CA THR A 401 -15.78 -18.54 -16.36
C THR A 401 -16.99 -19.44 -16.57
N GLN A 402 -17.85 -19.11 -17.55
CA GLN A 402 -19.09 -19.84 -17.79
C GLN A 402 -19.13 -20.54 -19.14
N LEU A 403 -18.53 -19.98 -20.18
CA LEU A 403 -18.52 -20.55 -21.51
C LEU A 403 -17.11 -20.96 -21.90
N ASP A 404 -17.02 -21.93 -22.82
CA ASP A 404 -15.71 -22.35 -23.32
C ASP A 404 -15.05 -21.26 -24.16
N GLU A 405 -15.80 -20.64 -25.07
CA GLU A 405 -15.26 -19.61 -25.95
C GLU A 405 -16.13 -18.37 -25.85
N LEU A 406 -15.57 -17.24 -26.24
CA LEU A 406 -16.33 -16.00 -26.21
C LEU A 406 -17.45 -16.04 -27.24
N PRO A 407 -18.61 -15.46 -26.94
CA PRO A 407 -19.71 -15.46 -27.91
C PRO A 407 -19.40 -14.55 -29.09
N ASP A 408 -20.18 -14.75 -30.16
CA ASP A 408 -19.95 -14.00 -31.39
C ASP A 408 -20.22 -12.52 -31.21
N ASP A 409 -21.15 -12.16 -30.34
CA ASP A 409 -21.53 -10.78 -30.11
C ASP A 409 -21.04 -10.27 -28.76
N PHE A 410 -19.80 -10.60 -28.42
CA PHE A 410 -19.27 -10.27 -27.10
C PHE A 410 -19.07 -8.77 -26.93
N ARG A 411 -18.84 -8.06 -28.03
CA ARG A 411 -18.63 -6.62 -27.99
C ARG A 411 -19.91 -5.87 -27.67
N ASN A 412 -21.04 -6.39 -28.11
CA ASN A 412 -22.34 -5.74 -28.01
C ASN A 412 -22.76 -5.52 -26.55
N PRO A 413 -23.01 -4.28 -26.12
CA PRO A 413 -23.41 -4.05 -24.73
C PRO A 413 -24.83 -4.51 -24.40
N ASP A 414 -25.61 -4.93 -25.38
CA ASP A 414 -26.89 -5.57 -25.08
C ASP A 414 -26.65 -6.87 -24.32
N HIS A 415 -25.77 -7.72 -24.83
CA HIS A 415 -25.47 -9.03 -24.26
C HIS A 415 -24.49 -8.85 -23.11
N SER A 416 -25.02 -8.56 -21.93
CA SER A 416 -24.21 -8.26 -20.76
C SER A 416 -23.56 -9.55 -20.25
N ALA A 417 -22.89 -9.45 -19.10
CA ALA A 417 -22.16 -10.59 -18.58
C ALA A 417 -23.05 -11.52 -17.77
N VAL A 418 -23.93 -10.97 -16.93
CA VAL A 418 -24.89 -11.81 -16.22
C VAL A 418 -25.74 -12.58 -17.20
N SER A 419 -25.90 -12.05 -18.42
CA SER A 419 -26.66 -12.72 -19.47
C SER A 419 -26.24 -14.18 -19.63
N HIS A 420 -24.95 -14.46 -19.54
CA HIS A 420 -24.41 -15.81 -19.76
C HIS A 420 -24.40 -16.68 -18.50
N PHE A 421 -24.87 -16.17 -17.36
CA PHE A 421 -24.90 -16.93 -16.13
C PHE A 421 -26.29 -17.54 -15.92
N LYS A 422 -26.32 -18.71 -15.28
CA LYS A 422 -27.55 -19.38 -14.86
C LYS A 422 -27.56 -19.44 -13.34
N THR A 423 -28.56 -18.83 -12.73
CA THR A 423 -28.57 -18.55 -11.30
C THR A 423 -27.27 -17.83 -10.93
N PRO A 424 -27.07 -16.59 -11.40
CA PRO A 424 -25.81 -15.90 -11.13
C PRO A 424 -25.69 -15.44 -9.69
N SER A 425 -24.44 -15.35 -9.23
CA SER A 425 -24.16 -14.92 -7.88
C SER A 425 -24.47 -13.42 -7.72
N ARG A 426 -24.60 -13.00 -6.47
CA ARG A 426 -24.74 -11.57 -6.20
C ARG A 426 -23.53 -10.79 -6.65
N GLN A 427 -22.33 -11.34 -6.42
CA GLN A 427 -21.10 -10.68 -6.86
C GLN A 427 -21.03 -10.58 -8.38
N ILE A 428 -21.46 -11.63 -9.09
CA ILE A 428 -21.42 -11.58 -10.54
C ILE A 428 -22.39 -10.54 -11.07
N ILE A 429 -23.48 -10.27 -10.34
CA ILE A 429 -24.43 -9.25 -10.76
C ILE A 429 -23.80 -7.87 -10.65
N ASN A 430 -23.13 -7.60 -9.52
CA ASN A 430 -22.52 -6.29 -9.32
C ASN A 430 -21.35 -6.09 -10.28
N LEU A 431 -20.53 -7.12 -10.49
CA LEU A 431 -19.40 -7.01 -11.42
C LEU A 431 -19.87 -6.81 -12.85
N SER A 432 -20.94 -7.50 -13.25
CA SER A 432 -21.50 -7.31 -14.58
C SER A 432 -21.95 -5.87 -14.79
N LEU A 433 -22.54 -5.27 -13.76
CA LEU A 433 -22.96 -3.88 -13.84
C LEU A 433 -21.77 -2.95 -14.04
N LEU A 434 -20.67 -3.20 -13.33
CA LEU A 434 -19.46 -2.41 -13.52
C LEU A 434 -18.94 -2.54 -14.95
N VAL A 435 -19.09 -3.71 -15.57
CA VAL A 435 -18.68 -3.87 -16.96
C VAL A 435 -19.46 -2.91 -17.86
N GLN A 436 -20.77 -2.86 -17.66
CA GLN A 436 -21.62 -2.02 -18.50
C GLN A 436 -21.28 -0.55 -18.34
N GLU A 437 -20.96 -0.13 -17.11
CA GLU A 437 -20.65 1.26 -16.84
C GLU A 437 -19.25 1.67 -17.34
N LEU A 438 -18.36 0.70 -17.56
CA LEU A 438 -17.04 0.99 -18.10
C LEU A 438 -16.99 0.99 -19.62
N THR A 439 -18.01 0.43 -20.29
CA THR A 439 -17.96 0.21 -21.73
C THR A 439 -19.05 0.98 -22.48
N ARG A 440 -19.59 2.03 -21.88
CA ARG A 440 -20.59 2.84 -22.57
C ARG A 440 -20.04 3.36 -23.89
N LEU A 441 -20.91 3.44 -24.89
CA LEU A 441 -20.48 3.83 -26.24
C LEU A 441 -19.83 5.21 -26.24
N ASP A 442 -20.35 6.12 -25.41
CA ASP A 442 -19.84 7.48 -25.38
C ASP A 442 -18.68 7.55 -24.39
N PRO A 443 -17.46 7.86 -24.85
CA PRO A 443 -16.31 7.90 -23.94
C PRO A 443 -16.50 8.80 -22.73
N ASP A 444 -17.13 9.97 -22.92
CA ASP A 444 -17.32 10.92 -21.82
C ASP A 444 -18.39 10.48 -20.84
N LYS A 445 -19.17 9.44 -21.14
CA LYS A 445 -20.13 8.89 -20.22
C LYS A 445 -19.62 7.64 -19.51
N ARG A 446 -18.42 7.19 -19.83
CA ARG A 446 -17.87 6.00 -19.20
C ARG A 446 -17.50 6.24 -17.74
N MET A 447 -17.54 5.17 -16.97
CA MET A 447 -17.01 5.18 -15.62
C MET A 447 -15.50 5.28 -15.70
N THR A 448 -14.90 5.91 -14.71
CA THR A 448 -13.44 6.00 -14.67
C THR A 448 -12.85 4.86 -13.85
N ILE A 449 -11.61 4.51 -14.17
CA ILE A 449 -10.91 3.47 -13.45
C ILE A 449 -10.82 3.80 -11.96
N LYS A 450 -10.69 5.09 -11.61
CA LYS A 450 -10.67 5.48 -10.21
C LYS A 450 -11.99 5.10 -9.53
N GLN A 451 -13.12 5.42 -10.17
CA GLN A 451 -14.43 5.02 -9.64
C GLN A 451 -14.58 3.51 -9.59
N PHE A 452 -14.10 2.82 -10.62
CA PHE A 452 -14.15 1.36 -10.63
C PHE A 452 -13.37 0.78 -9.45
N GLN A 453 -12.25 1.40 -9.09
CA GLN A 453 -11.49 0.92 -7.94
C GLN A 453 -12.31 0.99 -6.67
N THR A 454 -12.94 2.14 -6.41
CA THR A 454 -13.72 2.31 -5.19
C THR A 454 -14.88 1.33 -5.12
N LEU A 455 -15.62 1.21 -6.22
CA LEU A 455 -16.80 0.35 -6.25
C LEU A 455 -16.44 -1.13 -6.35
N LEU A 456 -15.19 -1.47 -6.68
CA LEU A 456 -14.78 -2.87 -6.64
C LEU A 456 -14.85 -3.43 -5.22
N ASN A 457 -14.52 -2.59 -4.23
CA ASN A 457 -14.51 -3.00 -2.84
C ASN A 457 -15.91 -3.11 -2.23
N PHE A 458 -16.97 -2.99 -3.03
CA PHE A 458 -18.35 -3.14 -2.56
C PHE A 458 -19.11 -4.18 -3.39
N LYS A 459 -18.41 -5.18 -3.91
CA LYS A 459 -19.07 -6.15 -4.78
C LYS A 459 -19.93 -7.15 -4.01
N ASN A 460 -19.84 -7.17 -2.68
CA ASN A 460 -20.61 -8.09 -1.86
C ASN A 460 -22.00 -7.57 -1.54
N LEU A 461 -22.18 -6.26 -1.45
CA LEU A 461 -23.47 -5.68 -1.07
C LEU A 461 -24.58 -6.15 -2.01
N PRO A 462 -25.80 -6.26 -1.51
CA PRO A 462 -26.88 -6.81 -2.33
C PRO A 462 -27.08 -5.99 -3.59
N PRO A 463 -27.64 -6.59 -4.65
CA PRO A 463 -27.77 -5.91 -5.93
C PRO A 463 -28.29 -4.47 -5.86
N ASP A 464 -29.51 -4.26 -5.37
CA ASP A 464 -30.05 -2.89 -5.32
C ASP A 464 -29.19 -1.98 -4.46
N ALA A 465 -28.59 -2.51 -3.38
CA ALA A 465 -27.70 -1.70 -2.56
C ALA A 465 -26.42 -1.34 -3.30
N PHE A 466 -25.95 -2.25 -4.17
CA PHE A 466 -24.81 -1.93 -5.01
C PHE A 466 -25.16 -0.87 -6.04
N TYR A 467 -26.40 -0.89 -6.53
CA TYR A 467 -26.85 0.13 -7.47
C TYR A 467 -26.87 1.52 -6.81
N GLN A 468 -27.22 1.57 -5.52
CA GLN A 468 -27.22 2.84 -4.80
C GLN A 468 -25.80 3.38 -4.63
N LYS A 469 -24.86 2.52 -4.23
CA LYS A 469 -23.47 2.94 -4.11
C LYS A 469 -22.93 3.38 -5.47
N VAL A 470 -23.32 2.69 -6.54
CA VAL A 470 -22.86 3.06 -7.88
C VAL A 470 -23.32 4.48 -8.21
N GLU A 471 -24.60 4.78 -7.96
CA GLU A 471 -25.12 6.13 -8.22
C GLU A 471 -24.38 7.18 -7.38
N GLU A 472 -24.06 6.86 -6.12
CA GLU A 472 -23.33 7.80 -5.28
C GLU A 472 -21.94 8.10 -5.83
N VAL A 473 -21.20 7.06 -6.22
CA VAL A 473 -19.81 7.24 -6.65
C VAL A 473 -19.75 7.75 -8.10
N PHE A 474 -20.76 7.46 -8.90
CA PHE A 474 -20.75 7.77 -10.33
C PHE A 474 -22.18 8.17 -10.71
N PRO A 475 -22.57 9.42 -10.40
CA PRO A 475 -23.92 9.97 -10.58
C PRO A 475 -24.57 9.70 -11.94
N PRO B 6 -12.36 -38.44 27.46
CA PRO B 6 -12.09 -37.08 27.93
C PRO B 6 -13.36 -36.25 28.12
N MET B 7 -13.47 -35.60 29.27
CA MET B 7 -14.71 -34.92 29.63
C MET B 7 -15.02 -33.82 28.61
N PRO B 8 -16.26 -33.72 28.13
CA PRO B 8 -16.60 -32.67 27.16
C PRO B 8 -16.68 -31.31 27.83
N LEU B 9 -16.81 -30.28 26.98
CA LEU B 9 -16.88 -28.90 27.45
C LEU B 9 -18.28 -28.59 27.95
N ASN B 10 -18.36 -28.06 29.16
CA ASN B 10 -19.65 -27.73 29.77
C ASN B 10 -20.45 -26.79 28.89
N LEU B 11 -21.75 -27.03 28.82
CA LEU B 11 -22.62 -26.18 28.04
C LEU B 11 -22.64 -24.77 28.63
N PRO B 12 -22.81 -23.76 27.80
CA PRO B 12 -22.91 -22.39 28.30
C PRO B 12 -24.13 -22.25 29.19
N PRO B 13 -24.17 -21.26 30.07
CA PRO B 13 -25.33 -21.11 30.93
C PRO B 13 -26.57 -20.77 30.10
N LYS B 14 -27.73 -21.25 30.57
CA LYS B 14 -28.98 -20.99 29.85
C LYS B 14 -29.33 -19.51 29.81
N SER B 15 -28.81 -18.72 30.76
CA SER B 15 -29.07 -17.29 30.74
C SER B 15 -28.34 -16.59 29.60
N SER B 16 -27.23 -17.16 29.14
CA SER B 16 -26.44 -16.58 28.05
C SER B 16 -25.91 -17.75 27.21
N LYS B 17 -26.75 -18.24 26.30
CA LYS B 17 -26.47 -19.45 25.53
C LYS B 17 -26.30 -19.16 24.04
N ASN B 18 -25.76 -17.99 23.70
CA ASN B 18 -25.50 -17.69 22.31
C ASN B 18 -24.44 -18.63 21.72
N THR B 19 -23.49 -19.06 22.56
CA THR B 19 -22.43 -19.98 22.17
C THR B 19 -22.88 -21.44 22.17
N MET B 20 -24.13 -21.73 22.53
CA MET B 20 -24.61 -23.12 22.61
C MET B 20 -24.32 -23.94 21.36
N PRO B 21 -24.65 -23.48 20.15
CA PRO B 21 -24.31 -24.30 18.97
C PRO B 21 -22.82 -24.50 18.79
N LEU B 22 -22.01 -23.50 19.14
CA LEU B 22 -20.57 -23.64 18.99
C LEU B 22 -20.01 -24.60 20.03
N VAL B 23 -20.56 -24.57 21.24
CA VAL B 23 -20.18 -25.54 22.27
C VAL B 23 -20.61 -26.94 21.86
N ILE B 24 -21.81 -27.08 21.32
CA ILE B 24 -22.31 -28.39 20.89
C ILE B 24 -21.48 -28.91 19.72
N ALA B 25 -21.14 -28.04 18.77
CA ALA B 25 -20.31 -28.46 17.64
C ALA B 25 -18.92 -28.90 18.12
N TYR B 26 -18.37 -28.20 19.12
CA TYR B 26 -17.07 -28.58 19.66
C TYR B 26 -17.12 -29.95 20.31
N ASN B 27 -18.19 -30.25 21.04
CA ASN B 27 -18.29 -31.51 21.76
C ASN B 27 -18.59 -32.69 20.83
N ASN B 28 -19.29 -32.46 19.72
CA ASN B 28 -19.57 -33.53 18.77
C ASN B 28 -18.45 -33.74 17.78
N ALA B 29 -17.44 -32.87 17.76
CA ALA B 29 -16.30 -33.07 16.90
C ALA B 29 -15.48 -34.27 17.38
N PRO B 30 -14.94 -35.07 16.45
CA PRO B 30 -14.11 -36.21 16.88
C PRO B 30 -12.90 -35.77 17.68
N GLU B 31 -12.57 -36.54 18.71
CA GLU B 31 -11.52 -36.15 19.66
C GLU B 31 -10.17 -35.96 19.00
N ASP B 32 -9.85 -36.75 17.96
CA ASP B 32 -8.58 -36.59 17.28
C ASP B 32 -8.65 -35.58 16.15
N ASP B 33 -9.81 -34.98 15.91
CA ASP B 33 -9.93 -33.90 14.93
C ASP B 33 -9.63 -32.57 15.63
N LYS B 34 -8.34 -32.39 15.93
CA LYS B 34 -7.91 -31.24 16.72
C LYS B 34 -8.13 -29.92 16.00
N ILE B 35 -7.99 -29.91 14.67
CA ILE B 35 -8.19 -28.67 13.93
C ILE B 35 -9.64 -28.23 14.03
N GLN B 36 -10.59 -29.19 13.97
CA GLN B 36 -11.98 -28.83 14.19
C GLN B 36 -12.22 -28.43 15.64
N LYS B 37 -11.57 -29.12 16.58
CA LYS B 37 -11.62 -28.67 17.97
C LYS B 37 -11.16 -27.22 18.10
N LEU B 38 -10.02 -26.91 17.47
CA LEU B 38 -9.46 -25.56 17.57
C LEU B 38 -10.31 -24.53 16.85
N PHE B 39 -10.96 -24.93 15.75
CA PHE B 39 -11.77 -23.99 14.99
C PHE B 39 -12.97 -23.50 15.80
N TYR B 40 -13.67 -24.43 16.47
CA TYR B 40 -14.79 -24.02 17.30
C TYR B 40 -14.34 -23.40 18.62
N LEU B 41 -13.14 -23.73 19.07
CA LEU B 41 -12.56 -22.97 20.17
C LEU B 41 -12.37 -21.52 19.76
N GLN B 42 -11.87 -21.28 18.55
CA GLN B 42 -11.68 -19.91 18.08
C GLN B 42 -13.00 -19.24 17.73
N LYS B 43 -13.99 -20.01 17.27
CA LYS B 43 -15.31 -19.43 17.03
C LYS B 43 -15.98 -19.01 18.33
N ILE B 44 -15.92 -19.86 19.35
CA ILE B 44 -16.49 -19.49 20.65
C ILE B 44 -15.83 -18.22 21.15
N ASN B 45 -14.51 -18.15 21.03
CA ASN B 45 -13.78 -16.99 21.49
C ASN B 45 -14.17 -15.73 20.71
N TYR B 46 -14.33 -15.85 19.39
CA TYR B 46 -14.74 -14.70 18.60
C TYR B 46 -16.10 -14.18 19.04
N LEU B 47 -17.04 -15.09 19.30
CA LEU B 47 -18.38 -14.68 19.71
C LEU B 47 -18.39 -14.16 21.14
N LEU B 48 -17.56 -14.71 22.01
CA LEU B 48 -17.46 -14.18 23.37
C LEU B 48 -16.98 -12.74 23.37
N ASN B 49 -16.05 -12.40 22.47
CA ASN B 49 -15.49 -11.05 22.47
C ASN B 49 -16.52 -10.00 22.09
N LYS B 50 -17.60 -10.37 21.43
CA LYS B 50 -18.66 -9.42 21.11
C LYS B 50 -19.94 -9.72 21.88
N THR B 51 -19.80 -10.24 23.11
CA THR B 51 -20.95 -10.60 23.95
C THR B 51 -20.86 -9.84 25.27
N GLN B 52 -21.96 -9.19 25.65
CA GLN B 52 -22.06 -8.62 26.98
C GLN B 52 -22.13 -9.74 28.01
N LEU B 53 -21.24 -9.68 28.98
CA LEU B 53 -21.15 -10.75 29.96
C LEU B 53 -22.20 -10.57 31.05
N ASN B 54 -22.53 -11.67 31.71
CA ASN B 54 -23.30 -11.67 32.95
C ASN B 54 -22.59 -12.58 33.95
N ASP B 55 -23.11 -12.60 35.17
CA ASP B 55 -22.47 -13.37 36.23
C ASP B 55 -22.32 -14.84 35.85
N ASP B 56 -23.34 -15.42 35.21
CA ASP B 56 -23.31 -16.83 34.88
C ASP B 56 -22.35 -17.12 33.74
N LEU B 57 -22.33 -16.25 32.72
CA LEU B 57 -21.39 -16.42 31.62
C LEU B 57 -19.97 -16.08 32.05
N PHE B 58 -19.83 -15.12 32.97
CA PHE B 58 -18.50 -14.81 33.49
C PHE B 58 -17.88 -16.00 34.21
N ASP B 59 -18.68 -16.70 35.02
CA ASP B 59 -18.18 -17.91 35.67
C ASP B 59 -17.76 -18.94 34.63
N TRP B 60 -18.50 -19.02 33.53
CA TRP B 60 -18.26 -20.05 32.53
C TRP B 60 -16.91 -19.85 31.85
N ILE B 61 -16.56 -18.60 31.51
CA ILE B 61 -15.29 -18.35 30.83
C ILE B 61 -14.11 -18.40 31.78
N ASN B 62 -14.36 -18.51 33.09
CA ASN B 62 -13.31 -18.60 34.10
C ASN B 62 -13.31 -19.96 34.80
N ASP B 63 -13.86 -20.98 34.16
CA ASP B 63 -13.85 -22.33 34.71
C ASP B 63 -12.58 -23.04 34.23
N ALA B 64 -11.65 -23.29 35.14
CA ALA B 64 -10.40 -23.96 34.81
C ALA B 64 -10.40 -25.43 35.20
N GLU B 65 -11.47 -25.92 35.82
CA GLU B 65 -11.60 -27.34 36.11
C GLU B 65 -11.84 -28.12 34.82
N GLU B 66 -11.76 -29.43 34.91
CA GLU B 66 -12.03 -30.26 33.74
C GLU B 66 -13.46 -30.03 33.28
N GLY B 67 -13.64 -29.80 31.98
CA GLY B 67 -14.92 -29.45 31.44
C GLY B 67 -15.15 -27.96 31.35
N GLY B 68 -14.25 -27.14 31.90
CA GLY B 68 -14.39 -25.70 31.83
C GLY B 68 -13.77 -25.10 30.58
N TRP B 69 -14.28 -23.92 30.21
CA TRP B 69 -13.77 -23.22 29.05
C TRP B 69 -12.25 -23.04 29.09
N LEU B 70 -11.71 -22.62 30.25
CA LEU B 70 -10.28 -22.35 30.33
C LEU B 70 -9.44 -23.63 30.22
N ASN B 71 -9.97 -24.79 30.64
CA ASN B 71 -9.20 -26.01 30.49
C ASN B 71 -9.05 -26.39 29.02
N GLU B 72 -10.05 -26.10 28.20
CA GLU B 72 -9.93 -26.33 26.76
C GLU B 72 -8.87 -25.43 26.14
N LEU B 73 -8.79 -24.17 26.58
CA LEU B 73 -7.73 -23.29 26.09
C LEU B 73 -6.36 -23.81 26.49
N ALA B 74 -6.22 -24.27 27.73
CA ALA B 74 -4.93 -24.77 28.20
C ALA B 74 -4.46 -25.97 27.41
N LYS B 75 -5.39 -26.80 26.90
CA LYS B 75 -4.98 -27.98 26.13
C LYS B 75 -4.18 -27.58 24.90
N PHE B 76 -4.36 -26.36 24.40
CA PHE B 76 -3.66 -25.89 23.21
C PHE B 76 -2.75 -24.72 23.52
N SER B 77 -2.48 -24.44 24.80
CA SER B 77 -1.56 -23.38 25.21
C SER B 77 -2.00 -22.02 24.66
N ILE B 78 -3.29 -21.75 24.74
CA ILE B 78 -3.85 -20.47 24.35
C ILE B 78 -4.08 -19.67 25.64
N ASN B 79 -3.47 -18.48 25.70
CA ASN B 79 -3.59 -17.64 26.88
C ASN B 79 -4.89 -16.84 26.82
N PRO B 80 -5.82 -17.05 27.75
CA PRO B 80 -7.11 -16.34 27.67
C PRO B 80 -6.99 -14.82 27.84
N ASN B 81 -5.85 -14.33 28.33
CA ASN B 81 -5.64 -12.91 28.53
C ASN B 81 -4.79 -12.27 27.44
N ALA B 82 -4.43 -13.02 26.41
CA ALA B 82 -3.60 -12.50 25.33
C ALA B 82 -4.34 -11.43 24.55
N SER B 83 -3.57 -10.57 23.90
CA SER B 83 -4.15 -9.56 23.02
C SER B 83 -4.77 -10.24 21.80
N PHE B 84 -5.62 -9.48 21.09
CA PHE B 84 -6.29 -10.02 19.91
C PHE B 84 -5.29 -10.62 18.93
N PHE B 85 -4.18 -9.92 18.70
CA PHE B 85 -3.17 -10.41 17.76
C PHE B 85 -2.46 -11.64 18.31
N LEU B 86 -1.97 -11.57 19.54
CA LEU B 86 -1.21 -12.68 20.08
C LEU B 86 -2.08 -13.92 20.26
N LYS B 87 -3.33 -13.77 20.72
CA LYS B 87 -4.20 -14.93 20.88
C LYS B 87 -4.48 -15.61 19.55
N GLY B 88 -4.67 -14.84 18.48
CA GLY B 88 -4.82 -15.46 17.17
C GLY B 88 -3.59 -16.24 16.78
N MET B 89 -2.41 -15.72 17.10
CA MET B 89 -1.16 -16.39 16.74
C MET B 89 -0.94 -17.65 17.56
N GLN B 90 -1.36 -17.63 18.83
CA GLN B 90 -1.33 -18.85 19.62
C GLN B 90 -2.29 -19.92 19.07
N PHE B 91 -3.43 -19.49 18.51
CA PHE B 91 -4.29 -20.43 17.80
C PHE B 91 -3.60 -20.97 16.56
N ALA B 92 -2.93 -20.11 15.80
CA ALA B 92 -2.27 -20.54 14.57
C ALA B 92 -1.14 -21.51 14.86
N LYS B 93 -0.45 -21.34 16.00
CA LYS B 93 0.61 -22.27 16.36
C LYS B 93 0.02 -23.64 16.70
N ALA B 94 -1.05 -23.66 17.51
CA ALA B 94 -1.66 -24.93 17.89
C ALA B 94 -2.23 -25.66 16.68
N ILE B 95 -2.82 -24.91 15.74
CA ILE B 95 -3.41 -25.54 14.57
C ILE B 95 -2.32 -26.09 13.65
N THR B 96 -1.21 -25.36 13.52
CA THR B 96 -0.11 -25.86 12.69
C THR B 96 0.44 -27.17 13.24
N GLU B 97 0.57 -27.27 14.57
CA GLU B 97 1.08 -28.48 15.19
C GLU B 97 0.24 -29.70 14.82
N GLU B 98 -1.02 -29.50 14.48
CA GLU B 98 -1.96 -30.57 14.17
C GLU B 98 -2.15 -30.80 12.68
N ILE B 99 -1.46 -30.05 11.82
CA ILE B 99 -1.62 -30.20 10.37
C ILE B 99 -0.74 -31.36 9.90
N LYS B 100 -1.38 -32.45 9.46
CA LYS B 100 -0.64 -33.59 8.91
C LYS B 100 -0.19 -33.33 7.48
N ASN B 101 -1.15 -33.14 6.57
CA ASN B 101 -0.82 -32.76 5.20
C ASN B 101 -0.37 -31.30 5.16
N LYS B 102 0.93 -31.06 5.29
CA LYS B 102 1.46 -29.70 5.37
C LYS B 102 1.86 -29.20 3.99
N PRO B 103 1.29 -28.10 3.49
CA PRO B 103 1.58 -27.55 2.16
C PRO B 103 3.01 -27.07 2.02
N GLU B 109 4.74 -13.20 0.15
CA GLU B 109 3.71 -13.03 -0.87
C GLU B 109 2.35 -12.71 -0.24
N VAL B 110 2.27 -12.86 1.08
CA VAL B 110 1.00 -12.79 1.79
C VAL B 110 0.98 -11.61 2.76
N ASN B 111 -0.24 -11.11 2.99
CA ASN B 111 -0.53 -9.97 3.86
C ASN B 111 -1.13 -10.50 5.15
N ILE B 112 -0.52 -10.16 6.29
CA ILE B 112 -0.98 -10.68 7.57
C ILE B 112 -2.36 -10.13 7.93
N TYR B 113 -2.68 -8.92 7.51
CA TYR B 113 -3.99 -8.35 7.84
C TYR B 113 -5.09 -8.96 6.98
N HIS B 114 -4.79 -9.29 5.73
CA HIS B 114 -5.75 -10.02 4.92
C HIS B 114 -6.00 -11.41 5.50
N LEU B 115 -4.94 -12.09 5.95
CA LEU B 115 -5.09 -13.40 6.59
C LEU B 115 -5.98 -13.31 7.82
N MET B 116 -5.70 -12.36 8.71
CA MET B 116 -6.54 -12.20 9.89
C MET B 116 -7.97 -11.88 9.50
N GLN B 117 -8.15 -11.05 8.46
CA GLN B 117 -9.49 -10.69 8.01
C GLN B 117 -10.23 -11.87 7.41
N GLU B 118 -9.54 -12.68 6.60
CA GLU B 118 -10.18 -13.84 5.99
C GLU B 118 -10.56 -14.87 7.05
N ARG B 119 -9.67 -15.11 8.01
CA ARG B 119 -9.96 -16.05 9.08
C ARG B 119 -11.12 -15.55 9.95
N ASP B 120 -11.14 -14.25 10.25
CA ASP B 120 -12.20 -13.71 11.12
C ASP B 120 -13.56 -13.83 10.46
N GLN B 121 -13.63 -13.75 9.13
CA GLN B 121 -14.91 -13.92 8.47
C GLN B 121 -15.42 -15.35 8.63
N LEU B 122 -14.52 -16.34 8.56
CA LEU B 122 -14.92 -17.71 8.83
C LEU B 122 -15.48 -17.84 10.24
N LEU B 123 -14.75 -17.29 11.21
CA LEU B 123 -15.20 -17.32 12.60
C LEU B 123 -16.51 -16.57 12.77
N LYS B 124 -16.78 -15.57 11.93
CA LYS B 124 -17.98 -14.77 12.08
C LYS B 124 -19.22 -15.53 11.63
N GLU B 125 -19.14 -16.20 10.47
CA GLU B 125 -20.33 -16.70 9.80
C GLU B 125 -20.24 -18.10 9.21
N VAL B 126 -19.07 -18.74 9.17
CA VAL B 126 -18.90 -19.98 8.42
C VAL B 126 -18.75 -21.15 9.37
N GLU B 127 -19.35 -22.27 9.01
CA GLU B 127 -19.22 -23.51 9.76
C GLU B 127 -18.05 -24.34 9.23
N PHE B 128 -17.51 -25.20 10.10
CA PHE B 128 -16.28 -25.91 9.82
C PHE B 128 -16.36 -26.74 8.54
N GLU B 129 -17.55 -27.29 8.24
CA GLU B 129 -17.69 -28.14 7.06
C GLU B 129 -17.28 -27.39 5.79
N LYS B 130 -17.75 -26.17 5.62
CA LYS B 130 -17.60 -25.44 4.37
C LYS B 130 -16.27 -24.68 4.26
N CYS B 131 -15.34 -24.87 5.23
CA CYS B 131 -14.08 -24.11 5.16
C CYS B 131 -12.92 -24.79 5.89
N ALA B 132 -12.92 -26.11 6.05
CA ALA B 132 -11.90 -26.76 6.87
C ALA B 132 -10.49 -26.57 6.30
N THR B 133 -10.32 -26.73 4.99
CA THR B 133 -8.97 -26.69 4.43
C THR B 133 -8.43 -25.25 4.34
N ARG B 134 -9.27 -24.28 3.97
CA ARG B 134 -8.79 -22.89 3.95
C ARG B 134 -8.50 -22.39 5.36
N TYR B 135 -9.29 -22.82 6.34
CA TYR B 135 -9.04 -22.42 7.72
C TYR B 135 -7.65 -22.85 8.17
N ALA B 136 -7.30 -24.12 7.94
CA ALA B 136 -5.96 -24.60 8.29
C ALA B 136 -4.89 -23.93 7.44
N GLU B 137 -5.21 -23.62 6.18
CA GLU B 137 -4.25 -22.92 5.31
C GLU B 137 -3.92 -21.54 5.85
N ILE B 138 -4.94 -20.75 6.20
CA ILE B 138 -4.72 -19.42 6.73
C ILE B 138 -3.86 -19.48 7.99
N ASN B 139 -4.21 -20.36 8.92
CA ASN B 139 -3.46 -20.44 10.17
C ASN B 139 -2.05 -20.93 9.96
N PHE B 140 -1.82 -21.76 8.94
CA PHE B 140 -0.46 -22.16 8.62
C PHE B 140 0.35 -20.97 8.13
N LEU B 141 -0.23 -20.16 7.24
CA LEU B 141 0.49 -18.98 6.75
C LEU B 141 0.76 -17.98 7.87
N LEU B 142 -0.19 -17.82 8.79
CA LEU B 142 0.04 -16.93 9.93
C LEU B 142 1.19 -17.42 10.79
N ASN B 143 1.26 -18.73 11.03
CA ASN B 143 2.35 -19.27 11.83
C ASN B 143 3.68 -19.19 11.09
N GLU B 144 3.64 -19.26 9.76
CA GLU B 144 4.86 -19.08 8.98
C GLU B 144 5.45 -17.70 9.21
N LEU B 145 4.58 -16.69 9.30
CA LEU B 145 5.04 -15.34 9.60
C LEU B 145 5.66 -15.26 10.99
N ALA B 146 5.08 -15.97 11.97
CA ALA B 146 5.61 -15.93 13.32
C ALA B 146 6.99 -16.58 13.42
N LEU B 147 7.37 -17.40 12.46
CA LEU B 147 8.64 -18.12 12.49
C LEU B 147 9.69 -17.51 11.58
N ASN B 148 9.28 -16.83 10.51
CA ASN B 148 10.21 -16.39 9.48
C ASN B 148 10.27 -14.88 9.31
N ASP B 149 9.16 -14.17 9.49
CA ASP B 149 9.19 -12.71 9.41
C ASP B 149 9.82 -12.15 10.69
N LYS B 150 10.93 -11.43 10.54
CA LYS B 150 11.65 -10.91 11.70
C LYS B 150 10.77 -9.96 12.50
N LYS B 151 9.95 -9.17 11.82
CA LYS B 151 9.09 -8.22 12.52
C LYS B 151 7.99 -8.93 13.29
N THR B 152 7.32 -9.90 12.65
CA THR B 152 6.25 -10.62 13.34
C THR B 152 6.81 -11.46 14.48
N LYS B 153 7.96 -12.10 14.26
CA LYS B 153 8.55 -12.93 15.30
C LYS B 153 8.89 -12.10 16.53
N GLU B 154 9.42 -10.88 16.32
CA GLU B 154 9.74 -10.01 17.45
C GLU B 154 8.47 -9.58 18.18
N ILE B 155 7.39 -9.33 17.43
CA ILE B 155 6.14 -8.94 18.07
C ILE B 155 5.60 -10.09 18.91
N VAL B 156 5.65 -11.31 18.36
CA VAL B 156 5.17 -12.46 19.12
C VAL B 156 6.07 -12.70 20.32
N GLU B 157 7.39 -12.58 20.12
CA GLU B 157 8.33 -12.80 21.21
C GLU B 157 8.12 -11.78 22.33
N ARG B 158 8.01 -10.50 21.97
CA ARG B 158 7.91 -9.47 22.99
C ARG B 158 6.59 -9.55 23.74
N GLN B 159 5.50 -9.83 23.04
CA GLN B 159 4.20 -9.85 23.70
C GLN B 159 4.04 -11.08 24.58
N THR B 160 4.64 -12.21 24.19
CA THR B 160 4.66 -13.38 25.06
C THR B 160 5.49 -13.11 26.32
N GLU B 161 6.63 -12.42 26.16
CA GLU B 161 7.45 -12.06 27.31
C GLU B 161 6.70 -11.14 28.25
N ILE B 162 6.04 -10.11 27.72
CA ILE B 162 5.36 -9.13 28.57
C ILE B 162 4.17 -9.78 29.26
N LEU B 163 3.45 -10.65 28.55
CA LEU B 163 2.30 -11.34 29.14
C LEU B 163 2.75 -12.23 30.29
N ARG B 164 3.92 -12.85 30.14
CA ARG B 164 4.47 -13.72 31.18
C ARG B 164 4.87 -12.92 32.41
N LEU B 165 5.52 -11.77 32.20
CA LEU B 165 6.07 -11.01 33.32
C LEU B 165 5.03 -10.14 34.01
N VAL B 166 3.88 -9.89 33.37
CA VAL B 166 2.81 -9.12 33.98
C VAL B 166 1.73 -10.00 34.59
N ALA B 167 1.82 -11.32 34.40
CA ALA B 167 0.81 -12.24 34.89
C ALA B 167 0.52 -12.11 36.40
N PRO B 168 1.49 -11.88 37.28
CA PRO B 168 1.13 -11.62 38.68
C PRO B 168 0.27 -10.38 38.84
N LYS B 169 0.55 -9.31 38.08
CA LYS B 169 -0.25 -8.09 38.20
C LYS B 169 -1.67 -8.31 37.71
N ILE B 170 -1.82 -9.05 36.60
CA ILE B 170 -3.16 -9.39 36.13
C ILE B 170 -3.92 -10.16 37.18
N LYS B 171 -3.25 -11.12 37.83
CA LYS B 171 -3.88 -11.88 38.91
C LYS B 171 -4.24 -10.97 40.07
N ALA B 172 -3.38 -10.00 40.37
CA ALA B 172 -3.62 -9.11 41.49
C ALA B 172 -4.80 -8.18 41.22
N ILE B 173 -4.87 -7.62 40.01
CA ILE B 173 -5.98 -6.71 39.73
C ILE B 173 -7.29 -7.49 39.64
N LYS B 174 -7.25 -8.72 39.12
CA LYS B 174 -8.44 -9.53 39.00
C LYS B 174 -8.96 -9.99 40.36
N GLY B 175 -8.09 -10.09 41.35
CA GLY B 175 -8.48 -10.51 42.68
C GLY B 175 -8.72 -9.38 43.65
N GLU B 176 -8.64 -8.14 43.19
CA GLU B 176 -8.88 -6.99 44.04
C GLU B 176 -10.35 -6.93 44.46
N SER B 177 -10.58 -6.49 45.69
CA SER B 177 -11.95 -6.29 46.13
C SER B 177 -12.64 -5.26 45.24
N ILE B 178 -13.91 -5.52 44.92
CA ILE B 178 -14.64 -4.67 43.98
C ILE B 178 -14.81 -3.27 44.53
N ASP B 179 -14.77 -3.09 45.85
CA ASP B 179 -14.89 -1.77 46.43
C ASP B 179 -13.62 -0.94 46.25
N ASN B 180 -12.49 -1.59 45.97
CA ASN B 180 -11.22 -0.92 45.71
C ASN B 180 -11.04 -0.54 44.25
N LEU B 181 -11.99 -0.85 43.40
CA LEU B 181 -11.96 -0.52 41.99
C LEU B 181 -12.82 0.70 41.72
N PRO B 182 -12.67 1.34 40.55
CA PRO B 182 -13.51 2.49 40.22
C PRO B 182 -14.95 2.09 39.91
N VAL B 183 -15.83 3.08 40.03
CA VAL B 183 -17.25 2.95 39.73
C VAL B 183 -17.51 3.44 38.31
N ILE B 184 -18.44 2.80 37.61
CA ILE B 184 -18.77 3.16 36.23
C ILE B 184 -20.08 3.94 36.15
N ASN B 198 -12.19 7.79 31.66
CA ASN B 198 -10.79 7.46 31.35
C ASN B 198 -10.06 6.85 32.57
N PHE B 199 -10.59 5.74 33.07
CA PHE B 199 -9.97 5.06 34.22
C PHE B 199 -8.76 4.25 33.78
N ASN B 200 -7.69 4.34 34.56
CA ASN B 200 -6.51 3.53 34.26
C ASN B 200 -5.71 3.31 35.53
N PHE B 201 -4.84 2.30 35.48
CA PHE B 201 -4.04 1.87 36.62
C PHE B 201 -2.59 1.77 36.18
N LYS B 202 -1.70 2.51 36.85
CA LYS B 202 -0.31 2.61 36.45
C LYS B 202 0.59 1.81 37.38
N PHE B 203 1.58 1.13 36.80
CA PHE B 203 2.58 0.41 37.59
C PHE B 203 3.84 0.27 36.77
N THR B 204 4.98 0.19 37.48
CA THR B 204 6.29 0.12 36.87
C THR B 204 6.88 -1.26 37.10
N MET B 205 7.68 -1.72 36.15
CA MET B 205 8.35 -3.01 36.23
C MET B 205 9.86 -2.78 36.16
N SER B 206 10.57 -3.30 37.17
CA SER B 206 12.02 -3.16 37.22
C SER B 206 12.63 -3.71 35.93
N GLY B 207 13.40 -2.87 35.24
CA GLY B 207 13.95 -3.21 33.95
C GLY B 207 13.25 -2.55 32.77
N TRP B 208 12.06 -1.99 32.98
CA TRP B 208 11.31 -1.29 31.94
C TRP B 208 11.22 0.18 32.30
N GLU B 209 11.67 1.05 31.39
CA GLU B 209 11.65 2.48 31.68
C GLU B 209 10.21 2.99 31.75
N ALA B 210 9.46 2.75 30.68
CA ALA B 210 8.09 3.23 30.61
C ALA B 210 7.18 2.40 31.51
N PRO B 211 6.31 3.03 32.30
CA PRO B 211 5.37 2.26 33.11
C PRO B 211 4.32 1.58 32.22
N PHE B 212 3.66 0.59 32.80
CA PHE B 212 2.56 -0.11 32.15
C PHE B 212 1.24 0.44 32.68
N VAL B 213 0.19 0.36 31.86
CA VAL B 213 -1.09 0.95 32.20
C VAL B 213 -2.21 -0.05 31.90
N PHE B 214 -3.00 -0.39 32.93
CA PHE B 214 -4.28 -1.06 32.75
C PHE B 214 -5.35 0.01 32.57
N ARG B 215 -6.21 -0.16 31.57
CA ARG B 215 -7.29 0.80 31.33
C ARG B 215 -8.61 0.07 31.16
N VAL B 216 -9.70 0.75 31.54
CA VAL B 216 -11.05 0.26 31.33
C VAL B 216 -11.62 0.97 30.11
N GLU B 217 -12.18 0.21 29.18
CA GLU B 217 -12.76 0.78 27.98
C GLU B 217 -14.22 1.17 28.23
N ASP B 218 -14.75 2.04 27.37
CA ASP B 218 -16.10 2.55 27.55
C ASP B 218 -17.16 1.57 27.08
N ARG B 219 -16.90 0.80 26.03
CA ARG B 219 -17.88 -0.17 25.54
C ARG B 219 -17.99 -1.37 26.47
N HIS B 220 -19.13 -2.06 26.41
CA HIS B 220 -19.36 -3.24 27.24
C HIS B 220 -18.78 -4.51 26.64
N GLU B 221 -18.37 -4.48 25.37
CA GLU B 221 -17.80 -5.63 24.71
C GLU B 221 -16.68 -5.15 23.78
N LEU B 222 -15.93 -6.10 23.25
CA LEU B 222 -14.78 -5.79 22.41
C LEU B 222 -15.04 -6.08 20.93
N GLY B 223 -16.31 -6.08 20.51
CA GLY B 223 -16.60 -6.36 19.11
C GLY B 223 -15.90 -5.39 18.17
N LYS B 224 -15.95 -4.09 18.48
CA LYS B 224 -15.32 -3.10 17.62
C LYS B 224 -13.80 -3.18 17.70
N GLU B 225 -13.25 -3.38 18.90
CA GLU B 225 -11.81 -3.59 19.04
C GLU B 225 -11.35 -4.87 18.33
N GLN B 226 -12.14 -5.95 18.44
CA GLN B 226 -11.74 -7.19 17.77
C GLN B 226 -11.64 -6.99 16.26
N GLU B 227 -12.58 -6.25 15.67
CA GLU B 227 -12.53 -6.02 14.22
C GLU B 227 -11.34 -5.14 13.84
N LEU B 228 -11.08 -4.08 14.61
CA LEU B 228 -10.02 -3.15 14.26
C LEU B 228 -8.67 -3.86 14.16
N HIS B 229 -8.44 -4.85 15.03
CA HIS B 229 -7.13 -5.49 15.07
C HIS B 229 -6.92 -6.52 13.97
N SER B 230 -7.93 -6.79 13.14
CA SER B 230 -7.70 -7.56 11.93
C SER B 230 -7.39 -6.68 10.73
N TYR B 231 -7.47 -5.35 10.87
CA TYR B 231 -7.24 -4.41 9.79
C TYR B 231 -5.88 -3.76 9.91
N GLY B 232 -5.32 -3.38 8.76
CA GLY B 232 -3.99 -2.77 8.66
C GLY B 232 -3.86 -1.39 9.26
N VAL B 233 -4.98 -0.79 9.69
CA VAL B 233 -4.89 0.48 10.40
C VAL B 233 -4.35 0.26 11.81
N SER B 234 -4.38 -0.98 12.30
CA SER B 234 -3.89 -1.27 13.64
C SER B 234 -2.39 -1.14 13.78
N LYS B 235 -1.64 -1.06 12.68
CA LYS B 235 -0.21 -0.77 12.78
C LYS B 235 0.06 0.63 13.32
N TYR B 236 -0.95 1.50 13.32
CA TYR B 236 -0.85 2.81 13.93
C TYR B 236 -1.43 2.84 15.34
N PHE B 237 -1.76 1.68 15.89
CA PHE B 237 -2.26 1.59 17.25
C PHE B 237 -1.09 1.44 18.21
N ILE B 238 -1.24 2.02 19.39
CA ILE B 238 -0.35 1.67 20.48
C ILE B 238 -0.58 0.20 20.83
N GLU B 239 0.50 -0.55 20.96
CA GLU B 239 0.43 -1.99 21.15
C GLU B 239 -0.24 -2.33 22.47
N ASP B 240 -1.33 -3.08 22.41
CA ASP B 240 -1.97 -3.65 23.60
C ASP B 240 -1.40 -5.04 23.84
N TYR B 241 -1.16 -5.36 25.11
CA TYR B 241 -0.48 -6.60 25.48
C TYR B 241 -1.38 -7.63 26.13
N SER B 242 -2.49 -7.22 26.73
CA SER B 242 -3.38 -8.13 27.41
C SER B 242 -4.78 -7.54 27.40
N VAL B 243 -5.78 -8.41 27.22
CA VAL B 243 -7.18 -8.03 27.16
C VAL B 243 -8.00 -9.01 27.99
N PHE B 244 -8.81 -8.49 28.92
CA PHE B 244 -9.66 -9.36 29.72
C PHE B 244 -10.82 -8.57 30.28
N MET B 245 -11.85 -9.30 30.73
CA MET B 245 -13.04 -8.70 31.31
C MET B 245 -12.98 -8.76 32.83
N MET B 246 -13.62 -7.76 33.47
CA MET B 246 -13.62 -7.67 34.92
C MET B 246 -14.96 -7.14 35.42
N ARG B 247 -15.27 -7.48 36.67
CA ARG B 247 -16.47 -7.01 37.35
C ARG B 247 -16.19 -5.68 38.04
N PHE B 248 -17.06 -4.70 37.83
CA PHE B 248 -16.96 -3.39 38.48
C PHE B 248 -18.33 -3.01 39.04
N LYS B 249 -18.32 -2.21 40.11
CA LYS B 249 -19.55 -1.57 40.59
C LYS B 249 -19.92 -0.41 39.68
N ALA B 250 -21.21 -0.31 39.35
CA ALA B 250 -21.71 0.72 38.45
C ALA B 250 -22.34 1.88 39.20
N GLU B 251 -22.61 2.96 38.46
CA GLU B 251 -23.27 4.15 39.00
C GLU B 251 -24.75 3.94 39.26
N ASP B 252 -25.34 2.85 38.77
CA ASP B 252 -26.74 2.53 39.02
C ASP B 252 -26.93 1.57 40.18
N GLY B 253 -25.86 1.24 40.91
CA GLY B 253 -25.92 0.31 42.02
C GLY B 253 -25.66 -1.15 41.67
N SER B 254 -25.70 -1.51 40.39
CA SER B 254 -25.49 -2.89 39.96
C SER B 254 -24.01 -3.17 39.73
N THR B 255 -23.70 -4.45 39.47
CA THR B 255 -22.37 -4.88 39.07
C THR B 255 -22.34 -5.06 37.56
N VAL B 256 -21.29 -4.54 36.91
CA VAL B 256 -21.17 -4.56 35.46
C VAL B 256 -19.81 -5.14 35.08
N TYR B 257 -19.73 -5.69 33.88
CA TYR B 257 -18.49 -6.24 33.34
C TYR B 257 -17.97 -5.35 32.22
N LYS B 258 -16.69 -5.02 32.29
CA LYS B 258 -16.03 -4.14 31.35
C LYS B 258 -14.68 -4.70 30.92
N PRO B 259 -14.23 -4.37 29.71
CA PRO B 259 -12.90 -4.82 29.28
C PRO B 259 -11.79 -4.03 29.94
N VAL B 260 -10.74 -4.75 30.31
CA VAL B 260 -9.50 -4.16 30.83
C VAL B 260 -8.40 -4.49 29.85
N ILE B 261 -7.70 -3.46 29.39
CA ILE B 261 -6.65 -3.60 28.39
C ILE B 261 -5.35 -3.05 28.95
N LEU B 262 -4.25 -3.77 28.73
CA LEU B 262 -2.93 -3.40 29.18
C LEU B 262 -2.07 -2.89 28.03
N SER B 263 -1.31 -1.84 28.29
CA SER B 263 -0.31 -1.36 27.33
C SER B 263 0.77 -0.64 28.11
N GLN B 264 1.80 -0.22 27.40
CA GLN B 264 2.82 0.63 28.01
C GLN B 264 2.40 2.08 27.87
N PHE B 265 2.63 2.84 28.93
CA PHE B 265 2.33 4.27 28.88
C PHE B 265 3.09 4.93 27.75
N ALA B 266 2.39 5.77 26.99
CA ALA B 266 2.95 6.37 25.79
C ALA B 266 3.66 7.66 26.19
N ASN B 267 4.97 7.55 26.43
CA ASN B 267 5.78 8.67 26.88
C ASN B 267 6.54 9.31 25.73
N GLN B 268 6.25 8.91 24.50
CA GLN B 268 6.90 9.43 23.32
C GLN B 268 6.42 10.85 23.03
N ASN B 269 7.24 11.60 22.29
CA ASN B 269 6.86 12.94 21.88
C ASN B 269 5.70 12.87 20.90
N ASN B 270 4.76 13.80 21.03
CA ASN B 270 3.72 13.92 20.03
C ASN B 270 4.20 14.81 18.88
N LEU B 271 3.38 14.87 17.83
CA LEU B 271 3.78 15.57 16.62
C LEU B 271 3.84 17.08 16.83
N GLU B 272 3.12 17.62 17.82
CA GLU B 272 3.25 19.03 18.12
C GLU B 272 4.61 19.33 18.74
N GLU B 273 5.05 18.49 19.68
CA GLU B 273 6.39 18.65 20.25
C GLU B 273 7.47 18.47 19.21
N ILE B 274 7.25 17.59 18.23
CA ILE B 274 8.27 17.35 17.22
C ILE B 274 8.37 18.54 16.28
N ALA B 275 7.24 19.13 15.89
CA ALA B 275 7.26 20.30 15.03
C ALA B 275 8.02 21.45 15.67
N LYS B 276 7.78 21.70 16.97
CA LYS B 276 8.49 22.75 17.67
C LYS B 276 9.97 22.45 17.78
N GLN B 277 10.35 21.17 17.83
CA GLN B 277 11.76 20.79 17.84
C GLN B 277 12.42 21.17 16.52
N LEU B 278 11.70 21.03 15.40
CA LEU B 278 12.31 21.28 14.11
C LEU B 278 12.53 22.77 13.86
N LYS B 279 11.97 23.64 14.71
CA LYS B 279 12.28 25.06 14.60
C LYS B 279 13.74 25.34 14.95
N ASP B 280 14.30 24.59 15.91
CA ASP B 280 15.68 24.74 16.36
C ASP B 280 16.67 23.84 15.63
N GLY B 281 16.25 23.16 14.57
CA GLY B 281 17.14 22.37 13.74
C GLY B 281 17.41 23.02 12.40
N SER B 282 18.16 22.28 11.58
CA SER B 282 18.46 22.76 10.23
C SER B 282 17.18 22.80 9.40
N PRO B 283 16.88 23.90 8.71
CA PRO B 283 15.68 23.94 7.88
C PRO B 283 15.71 22.93 6.74
N LYS B 284 16.89 22.38 6.42
CA LYS B 284 16.96 21.34 5.41
C LYS B 284 16.20 20.09 5.83
N ASN B 285 15.94 19.92 7.13
CA ASN B 285 15.21 18.76 7.64
C ASN B 285 13.70 18.97 7.70
N ILE B 286 13.22 20.19 7.57
CA ILE B 286 11.79 20.48 7.79
C ILE B 286 10.93 19.78 6.72
N ALA B 287 11.14 20.14 5.45
CA ALA B 287 10.35 19.54 4.38
C ALA B 287 10.42 18.02 4.34
N PRO B 288 11.58 17.37 4.46
CA PRO B 288 11.58 15.91 4.45
C PRO B 288 10.91 15.30 5.67
N ARG B 289 10.96 15.97 6.83
CA ARG B 289 10.33 15.41 8.02
C ARG B 289 8.81 15.51 7.94
N ILE B 290 8.30 16.60 7.36
CA ILE B 290 6.85 16.71 7.17
C ILE B 290 6.36 15.62 6.22
N GLY B 291 7.09 15.38 5.14
CA GLY B 291 6.69 14.32 4.22
C GLY B 291 6.69 12.95 4.89
N TYR B 292 7.75 12.65 5.64
CA TYR B 292 7.83 11.37 6.33
C TYR B 292 6.66 11.18 7.28
N TYR B 293 6.33 12.22 8.06
CA TYR B 293 5.28 12.09 9.06
C TYR B 293 3.88 12.12 8.45
N PHE B 294 3.65 12.94 7.43
CA PHE B 294 2.30 13.08 6.89
C PHE B 294 1.96 12.03 5.84
N VAL B 295 2.96 11.38 5.24
CA VAL B 295 2.68 10.14 4.51
C VAL B 295 2.08 9.11 5.46
N GLN B 296 2.63 9.02 6.67
CA GLN B 296 2.09 8.08 7.65
C GLN B 296 0.72 8.50 8.14
N LEU B 297 0.52 9.79 8.43
CA LEU B 297 -0.78 10.26 8.89
C LEU B 297 -1.84 10.02 7.83
N THR B 298 -1.47 10.18 6.56
CA THR B 298 -2.41 9.98 5.46
C THR B 298 -2.81 8.51 5.34
N ASP B 299 -1.83 7.59 5.43
CA ASP B 299 -2.15 6.17 5.31
C ASP B 299 -2.99 5.68 6.48
N PHE B 300 -2.77 6.23 7.68
CA PHE B 300 -3.64 5.94 8.81
C PHE B 300 -5.07 6.36 8.52
N CYS B 301 -5.25 7.60 8.06
CA CYS B 301 -6.60 8.11 7.78
C CYS B 301 -7.32 7.24 6.75
N LEU B 302 -6.66 6.94 5.63
CA LEU B 302 -7.30 6.15 4.59
C LEU B 302 -7.60 4.74 5.07
N LYS B 303 -6.68 4.15 5.83
CA LYS B 303 -6.87 2.78 6.30
C LYS B 303 -7.90 2.71 7.42
N LEU B 304 -8.07 3.77 8.20
CA LEU B 304 -9.17 3.78 9.16
C LEU B 304 -10.51 3.91 8.45
N ILE B 305 -10.55 4.70 7.37
CA ILE B 305 -11.80 4.85 6.63
C ILE B 305 -12.18 3.55 5.93
N GLU B 306 -11.19 2.74 5.56
CA GLU B 306 -11.49 1.47 4.91
C GLU B 306 -12.28 0.53 5.82
N THR B 307 -12.18 0.70 7.13
CA THR B 307 -12.90 -0.13 8.08
C THR B 307 -14.25 0.47 8.47
N HIS B 308 -14.68 1.52 7.77
CA HIS B 308 -15.87 2.30 8.12
C HIS B 308 -15.76 2.85 9.53
N ASN B 309 -14.58 3.36 9.87
CA ASN B 309 -14.32 4.06 11.12
C ASN B 309 -13.71 5.41 10.82
N TYR B 310 -13.97 6.36 11.70
CA TYR B 310 -13.55 7.74 11.48
C TYR B 310 -13.03 8.32 12.78
N HIS B 311 -11.98 9.14 12.66
CA HIS B 311 -11.38 9.83 13.78
C HIS B 311 -11.83 11.28 13.75
N PRO B 312 -12.72 11.72 14.64
CA PRO B 312 -13.18 13.12 14.62
C PRO B 312 -12.32 14.11 15.38
N ASP B 313 -11.23 13.68 15.99
CA ASP B 313 -10.37 14.54 16.80
C ASP B 313 -8.93 14.44 16.31
N ILE B 314 -8.74 14.66 15.01
CA ILE B 314 -7.41 14.60 14.41
C ILE B 314 -6.67 15.90 14.73
N LYS B 315 -5.59 15.81 15.48
CA LYS B 315 -4.72 16.94 15.77
C LYS B 315 -3.35 16.42 16.13
N LEU B 316 -2.36 17.31 16.04
CA LEU B 316 -0.95 16.91 16.12
C LEU B 316 -0.62 16.22 17.44
N ASN B 317 -1.10 16.76 18.56
CA ASN B 317 -0.74 16.18 19.85
C ASN B 317 -1.51 14.91 20.18
N ASN B 318 -2.39 14.44 19.30
CA ASN B 318 -3.05 13.15 19.46
C ASN B 318 -2.37 12.06 18.65
N PHE B 319 -1.17 12.32 18.15
CA PHE B 319 -0.35 11.33 17.46
C PHE B 319 1.08 11.42 17.98
N LEU B 320 1.70 10.28 18.22
CA LEU B 320 3.06 10.16 18.71
C LEU B 320 3.96 9.53 17.67
N VAL B 321 5.26 9.54 17.95
CA VAL B 321 6.26 8.87 17.14
C VAL B 321 7.01 7.90 18.04
N HIS B 322 7.00 6.62 17.68
CA HIS B 322 7.66 5.56 18.43
C HIS B 322 8.45 4.74 17.44
N ASN B 323 9.78 4.77 17.56
CA ASN B 323 10.68 4.14 16.59
C ASN B 323 10.39 4.64 15.18
N ASN B 324 10.25 5.96 15.07
CA ASN B 324 10.01 6.66 13.80
C ASN B 324 8.76 6.15 13.09
N ARG B 325 7.81 5.63 13.85
CA ARG B 325 6.50 5.25 13.36
C ARG B 325 5.48 6.10 14.09
N VAL B 326 4.54 6.66 13.33
CA VAL B 326 3.48 7.47 13.92
C VAL B 326 2.41 6.55 14.48
N LEU B 327 2.01 6.79 15.72
CA LEU B 327 0.96 6.03 16.38
C LEU B 327 -0.12 6.98 16.85
N VAL B 328 -1.38 6.57 16.75
CA VAL B 328 -2.46 7.39 17.27
C VAL B 328 -2.51 7.23 18.78
N SER B 329 -2.75 8.33 19.49
CA SER B 329 -2.59 8.35 20.94
C SER B 329 -3.61 7.46 21.64
N ASP B 330 -4.86 7.47 21.18
CA ASP B 330 -5.86 6.54 21.68
C ASP B 330 -6.97 6.43 20.65
N ARG B 331 -7.82 5.43 20.83
CA ARG B 331 -8.94 5.19 19.94
C ARG B 331 -10.29 5.45 20.60
N LYS B 332 -10.30 6.16 21.73
CA LYS B 332 -11.55 6.42 22.44
C LYS B 332 -12.56 7.19 21.58
N THR B 333 -12.11 8.06 20.68
CA THR B 333 -13.02 8.92 19.93
C THR B 333 -13.42 8.37 18.57
N PHE B 334 -12.88 7.23 18.15
CA PHE B 334 -13.29 6.62 16.88
C PHE B 334 -14.80 6.45 16.82
N THR B 335 -15.36 6.65 15.62
CA THR B 335 -16.78 6.45 15.36
C THR B 335 -16.93 5.64 14.08
N THR B 336 -17.97 4.80 14.04
CA THR B 336 -18.28 4.06 12.83
C THR B 336 -19.25 4.78 11.91
N ASN B 337 -19.90 5.84 12.40
CA ASN B 337 -20.87 6.57 11.60
C ASN B 337 -20.15 7.58 10.72
N ASP B 338 -20.38 7.50 9.41
CA ASP B 338 -19.74 8.43 8.48
C ASP B 338 -20.45 9.77 8.38
N ASN B 339 -21.68 9.88 8.86
CA ASN B 339 -22.40 11.15 8.87
C ASN B 339 -23.14 11.31 10.20
N PRO B 340 -22.40 11.44 11.29
CA PRO B 340 -23.03 11.56 12.61
C PRO B 340 -23.50 12.98 12.87
N LEU B 341 -24.35 13.11 13.89
CA LEU B 341 -24.73 14.43 14.34
C LEU B 341 -23.53 15.11 15.00
N ALA B 342 -23.54 16.45 14.98
CA ALA B 342 -22.47 17.20 15.63
C ALA B 342 -22.37 16.84 17.11
N SER B 343 -23.50 16.58 17.76
CA SER B 343 -23.54 16.28 19.19
C SER B 343 -23.14 14.86 19.51
N GLU B 344 -22.69 14.08 18.52
CA GLU B 344 -22.33 12.68 18.72
C GLU B 344 -20.85 12.39 18.51
N ILE B 345 -20.02 13.42 18.31
CA ILE B 345 -18.57 13.25 18.17
C ILE B 345 -17.88 14.25 19.08
N LEU B 346 -16.77 13.83 19.66
CA LEU B 346 -15.91 14.69 20.45
C LEU B 346 -14.76 15.17 19.56
N THR B 347 -14.59 16.49 19.47
CA THR B 347 -13.50 17.04 18.68
C THR B 347 -12.92 18.26 19.41
N SER B 348 -11.93 18.88 18.78
CA SER B 348 -11.26 20.06 19.33
C SER B 348 -11.63 21.27 18.48
N PRO B 349 -12.40 22.23 19.02
CA PRO B 349 -12.91 23.32 18.18
C PRO B 349 -11.84 24.14 17.49
N LEU B 350 -10.63 24.22 18.07
CA LEU B 350 -9.55 24.94 17.41
C LEU B 350 -9.26 24.35 16.03
N PHE B 351 -9.33 23.03 15.91
CA PHE B 351 -9.05 22.36 14.64
C PHE B 351 -10.30 21.85 13.94
N ALA B 352 -11.49 22.26 14.39
CA ALA B 352 -12.77 21.78 13.87
C ALA B 352 -13.21 22.61 12.66
N PRO B 353 -13.79 21.97 11.63
CA PRO B 353 -14.28 22.74 10.49
C PRO B 353 -15.50 23.57 10.86
N ASP B 354 -15.80 24.53 9.99
CA ASP B 354 -16.84 25.51 10.32
C ASP B 354 -18.23 24.87 10.36
N GLU B 355 -18.46 23.79 9.61
CA GLU B 355 -19.73 23.10 9.73
C GLU B 355 -19.92 22.54 11.13
N PHE B 356 -18.83 22.27 11.85
CA PHE B 356 -18.96 21.90 13.25
C PHE B 356 -19.06 23.11 14.17
N LEU B 357 -18.38 24.21 13.84
CA LEU B 357 -18.41 25.36 14.74
C LEU B 357 -19.79 26.00 14.81
N LYS B 358 -20.55 25.97 13.70
CA LYS B 358 -21.88 26.54 13.69
C LYS B 358 -22.87 25.76 14.55
N CYS B 359 -22.48 24.59 15.06
CA CYS B 359 -23.31 23.83 15.99
C CYS B 359 -22.97 24.11 17.46
N LEU B 360 -22.07 25.05 17.73
CA LEU B 360 -21.59 25.31 19.08
C LEU B 360 -22.17 26.61 19.62
N LEU B 361 -22.25 26.71 20.95
CA LEU B 361 -22.64 27.93 21.63
C LEU B 361 -21.38 28.59 22.22
N PHE B 362 -21.22 29.89 21.97
CA PHE B 362 -19.99 30.60 22.30
C PHE B 362 -20.22 31.66 23.37
N ASN B 363 -19.11 32.03 24.02
CA ASN B 363 -19.07 33.00 25.10
C ASN B 363 -19.02 34.41 24.53
N LYS B 364 -19.00 35.40 25.44
CA LYS B 364 -18.64 36.76 25.05
C LYS B 364 -17.15 36.85 24.69
N GLU B 365 -16.30 36.08 25.39
CA GLU B 365 -14.89 36.04 25.04
C GLU B 365 -14.66 35.31 23.72
N GLY B 366 -15.63 34.55 23.24
CA GLY B 366 -15.47 33.74 22.06
C GLY B 366 -15.20 32.28 22.31
N ASP B 367 -15.44 31.80 23.53
CA ASP B 367 -15.09 30.42 23.88
C ASP B 367 -16.30 29.51 23.72
N PRO B 368 -16.15 28.36 23.07
CA PRO B 368 -17.26 27.40 22.95
C PRO B 368 -17.69 26.88 24.32
N VAL B 369 -18.97 27.07 24.64
CA VAL B 369 -19.51 26.70 25.94
C VAL B 369 -20.17 25.32 25.86
N GLY B 370 -20.73 24.99 24.69
CA GLY B 370 -21.38 23.71 24.49
C GLY B 370 -22.00 23.61 23.11
N TYR B 371 -23.04 22.80 22.97
CA TYR B 371 -23.76 22.67 21.71
C TYR B 371 -25.00 23.53 21.73
N ASN B 372 -25.47 23.93 20.56
CA ASN B 372 -26.79 24.53 20.41
C ASN B 372 -27.70 23.57 19.65
N ARG B 373 -28.96 24.00 19.47
CA ARG B 373 -29.99 23.12 18.90
C ARG B 373 -29.57 22.49 17.58
N ASN B 374 -28.78 23.21 16.76
CA ASN B 374 -28.35 22.68 15.46
C ASN B 374 -27.72 21.30 15.58
N ALA B 375 -26.95 21.07 16.64
CA ALA B 375 -26.22 19.81 16.79
C ALA B 375 -27.16 18.61 16.89
N LEU B 376 -28.44 18.83 17.18
CA LEU B 376 -29.39 17.73 17.25
C LEU B 376 -29.80 17.22 15.87
N TRP B 377 -29.55 17.99 14.81
CA TRP B 377 -29.94 17.58 13.45
C TRP B 377 -28.90 17.90 12.38
N LYS B 378 -27.92 18.75 12.61
CA LYS B 378 -26.89 18.98 11.60
C LYS B 378 -25.85 17.87 11.64
N ARG B 379 -25.56 17.29 10.48
CA ARG B 379 -24.70 16.13 10.38
C ARG B 379 -23.40 16.48 9.66
N MET B 380 -22.36 15.73 9.99
CA MET B 380 -21.00 15.93 9.51
C MET B 380 -20.66 14.88 8.47
N ASN B 381 -20.03 15.27 7.37
CA ASN B 381 -19.51 14.28 6.43
C ASN B 381 -18.09 13.94 6.88
N MET B 382 -17.96 12.81 7.59
CA MET B 382 -16.71 12.44 8.25
C MET B 382 -15.48 12.47 7.36
N PRO B 383 -15.47 11.90 6.14
CA PRO B 383 -14.25 11.99 5.32
C PRO B 383 -13.86 13.42 4.92
N GLN B 384 -14.82 14.34 4.83
CA GLN B 384 -14.48 15.74 4.60
C GLN B 384 -14.12 16.46 5.89
N PHE B 385 -14.66 15.98 7.01
CA PHE B 385 -14.26 16.48 8.33
C PHE B 385 -12.82 16.10 8.63
N MET B 386 -12.45 14.86 8.34
CA MET B 386 -11.07 14.43 8.55
C MET B 386 -10.11 15.13 7.60
N ALA B 387 -10.55 15.34 6.36
CA ALA B 387 -9.71 16.06 5.40
C ALA B 387 -9.41 17.47 5.90
N TYR B 388 -10.42 18.14 6.46
CA TYR B 388 -10.19 19.45 7.06
C TYR B 388 -9.17 19.38 8.18
N GLN B 389 -9.36 18.44 9.11
CA GLN B 389 -8.51 18.39 10.30
C GLN B 389 -7.09 17.95 9.95
N LEU B 390 -6.95 17.04 8.98
CA LEU B 390 -5.62 16.67 8.51
C LEU B 390 -4.92 17.86 7.86
N GLY B 391 -5.67 18.68 7.13
CA GLY B 391 -5.10 19.89 6.56
C GLY B 391 -4.71 20.92 7.61
N MET B 392 -5.49 21.01 8.69
CA MET B 392 -5.13 21.92 9.76
C MET B 392 -3.95 21.40 10.57
N ALA B 393 -3.77 20.07 10.62
CA ALA B 393 -2.60 19.51 11.28
C ALA B 393 -1.33 19.81 10.50
N LEU B 394 -1.43 19.85 9.17
CA LEU B 394 -0.29 20.27 8.37
C LEU B 394 -0.01 21.74 8.57
N LYS B 395 -1.05 22.56 8.69
CA LYS B 395 -0.89 23.99 8.91
C LYS B 395 -0.20 24.25 10.24
N GLN B 396 -0.66 23.58 11.31
CA GLN B 396 -0.07 23.80 12.62
C GLN B 396 1.38 23.34 12.65
N PHE B 397 1.67 22.22 11.98
CA PHE B 397 3.04 21.72 11.89
C PHE B 397 3.93 22.70 11.14
N LEU B 398 3.44 23.24 10.02
CA LEU B 398 4.23 24.19 9.25
C LEU B 398 4.52 25.46 10.06
N ILE B 399 3.52 25.98 10.76
CA ILE B 399 3.69 27.25 11.46
C ILE B 399 4.59 27.07 12.69
N LEU B 400 4.38 26.01 13.46
CA LEU B 400 5.17 25.76 14.66
C LEU B 400 6.64 25.51 14.35
N THR B 401 6.98 25.31 13.08
CA THR B 401 8.35 25.19 12.65
C THR B 401 9.03 26.56 12.56
N GLN B 402 8.25 27.62 12.44
CA GLN B 402 8.76 28.99 12.27
C GLN B 402 8.43 29.89 13.43
N LEU B 403 7.29 29.71 14.08
CA LEU B 403 6.85 30.57 15.17
C LEU B 403 6.83 29.80 16.48
N ASP B 404 7.00 30.53 17.58
CA ASP B 404 6.90 29.90 18.90
C ASP B 404 5.47 29.48 19.18
N GLU B 405 4.51 30.35 18.89
CA GLU B 405 3.09 30.10 19.11
C GLU B 405 2.31 30.37 17.83
N LEU B 406 1.14 29.73 17.75
CA LEU B 406 0.28 29.88 16.59
C LEU B 406 -0.32 31.29 16.54
N PRO B 407 -0.49 31.86 15.36
CA PRO B 407 -1.04 33.22 15.26
C PRO B 407 -2.52 33.27 15.61
N ASP B 408 -2.99 34.50 15.85
CA ASP B 408 -4.36 34.73 16.28
C ASP B 408 -5.38 34.38 15.19
N ASP B 409 -5.00 34.48 13.92
CA ASP B 409 -5.90 34.20 12.80
C ASP B 409 -5.55 32.88 12.13
N PHE B 410 -5.22 31.86 12.94
CA PHE B 410 -4.74 30.60 12.39
C PHE B 410 -5.87 29.80 11.76
N ARG B 411 -7.11 29.96 12.26
CA ARG B 411 -8.24 29.23 11.69
C ARG B 411 -8.60 29.77 10.31
N ASN B 412 -8.50 31.07 10.14
CA ASN B 412 -8.92 31.71 8.90
C ASN B 412 -8.06 31.23 7.75
N PRO B 413 -8.65 30.65 6.69
CA PRO B 413 -7.84 30.22 5.55
C PRO B 413 -7.29 31.38 4.74
N ASP B 414 -7.63 32.62 5.09
CA ASP B 414 -6.96 33.77 4.49
C ASP B 414 -5.49 33.79 4.86
N HIS B 415 -5.18 33.75 6.15
CA HIS B 415 -3.80 33.81 6.62
C HIS B 415 -3.18 32.42 6.48
N SER B 416 -2.64 32.16 5.29
CA SER B 416 -2.10 30.84 4.96
C SER B 416 -0.76 30.63 5.66
N ALA B 417 -0.08 29.52 5.34
CA ALA B 417 1.10 29.06 6.04
C ALA B 417 2.41 29.65 5.51
N VAL B 418 2.56 29.78 4.18
CA VAL B 418 3.78 30.37 3.64
C VAL B 418 4.01 31.78 4.16
N SER B 419 2.94 32.47 4.58
CA SER B 419 3.06 33.82 5.12
C SER B 419 4.17 33.93 6.16
N HIS B 420 4.30 32.92 7.01
CA HIS B 420 5.23 32.96 8.13
C HIS B 420 6.64 32.51 7.77
N PHE B 421 6.88 32.10 6.52
CA PHE B 421 8.20 31.70 6.07
C PHE B 421 8.88 32.87 5.35
N LYS B 422 10.20 32.94 5.49
CA LYS B 422 11.02 33.93 4.80
C LYS B 422 11.95 33.21 3.84
N THR B 423 11.81 33.49 2.53
CA THR B 423 12.42 32.69 1.48
C THR B 423 12.01 31.23 1.64
N PRO B 424 10.74 30.90 1.40
CA PRO B 424 10.28 29.52 1.62
C PRO B 424 10.80 28.57 0.55
N SER B 425 10.93 27.31 0.94
CA SER B 425 11.40 26.26 0.04
C SER B 425 10.35 25.97 -1.03
N ARG B 426 10.78 25.31 -2.10
CA ARG B 426 9.82 24.82 -3.09
C ARG B 426 8.85 23.84 -2.45
N GLN B 427 9.34 22.97 -1.57
CA GLN B 427 8.47 22.07 -0.84
C GLN B 427 7.54 22.82 0.12
N ILE B 428 8.08 23.81 0.84
CA ILE B 428 7.25 24.56 1.79
C ILE B 428 6.18 25.37 1.07
N ILE B 429 6.46 25.80 -0.16
CA ILE B 429 5.46 26.54 -0.93
C ILE B 429 4.29 25.64 -1.30
N ASN B 430 4.58 24.44 -1.78
CA ASN B 430 3.53 23.54 -2.25
C ASN B 430 2.66 23.04 -1.10
N LEU B 431 3.26 22.74 0.06
CA LEU B 431 2.50 22.21 1.18
C LEU B 431 1.49 23.22 1.69
N SER B 432 1.85 24.50 1.71
CA SER B 432 0.90 25.53 2.13
C SER B 432 -0.34 25.53 1.26
N LEU B 433 -0.15 25.32 -0.05
CA LEU B 433 -1.29 25.25 -0.96
C LEU B 433 -2.20 24.08 -0.62
N LEU B 434 -1.60 22.91 -0.33
CA LEU B 434 -2.38 21.74 0.09
C LEU B 434 -3.18 22.03 1.34
N VAL B 435 -2.66 22.88 2.24
CA VAL B 435 -3.42 23.27 3.42
C VAL B 435 -4.71 23.99 3.00
N GLN B 436 -4.59 24.94 2.06
CA GLN B 436 -5.75 25.73 1.66
C GLN B 436 -6.82 24.86 0.99
N GLU B 437 -6.41 23.94 0.14
CA GLU B 437 -7.37 23.12 -0.57
C GLU B 437 -7.98 22.04 0.30
N LEU B 438 -7.36 21.72 1.43
CA LEU B 438 -7.92 20.78 2.39
C LEU B 438 -8.85 21.45 3.40
N THR B 439 -8.80 22.78 3.52
CA THR B 439 -9.55 23.48 4.56
C THR B 439 -10.57 24.48 3.99
N ARG B 440 -10.94 24.37 2.71
CA ARG B 440 -11.92 25.28 2.14
C ARG B 440 -13.24 25.19 2.91
N LEU B 441 -13.94 26.33 3.00
CA LEU B 441 -15.12 26.40 3.85
C LEU B 441 -16.17 25.37 3.45
N ASP B 442 -16.31 25.12 2.15
CA ASP B 442 -17.34 24.21 1.67
C ASP B 442 -16.80 22.79 1.70
N PRO B 443 -17.38 21.90 2.50
CA PRO B 443 -16.86 20.52 2.59
C PRO B 443 -16.74 19.83 1.24
N ASP B 444 -17.71 20.04 0.34
CA ASP B 444 -17.69 19.38 -0.96
C ASP B 444 -16.67 19.98 -1.91
N LYS B 445 -16.10 21.13 -1.57
CA LYS B 445 -15.01 21.71 -2.34
C LYS B 445 -13.66 21.39 -1.74
N ARG B 446 -13.65 20.72 -0.58
CA ARG B 446 -12.40 20.33 0.05
C ARG B 446 -11.73 19.22 -0.74
N MET B 447 -10.41 19.20 -0.67
CA MET B 447 -9.62 18.11 -1.21
C MET B 447 -9.82 16.85 -0.38
N THR B 448 -9.70 15.69 -1.01
CA THR B 448 -9.81 14.44 -0.29
C THR B 448 -8.42 14.00 0.15
N ILE B 449 -8.37 13.25 1.25
CA ILE B 449 -7.10 12.74 1.76
C ILE B 449 -6.41 11.88 0.71
N LYS B 450 -7.19 11.15 -0.09
CA LYS B 450 -6.59 10.33 -1.15
C LYS B 450 -5.84 11.20 -2.15
N GLN B 451 -6.48 12.28 -2.61
CA GLN B 451 -5.78 13.22 -3.50
C GLN B 451 -4.58 13.82 -2.81
N PHE B 452 -4.71 14.15 -1.52
CA PHE B 452 -3.58 14.66 -0.76
C PHE B 452 -2.44 13.65 -0.73
N GLN B 453 -2.77 12.35 -0.65
CA GLN B 453 -1.76 11.31 -0.66
C GLN B 453 -0.98 11.32 -1.97
N THR B 454 -1.70 11.32 -3.10
CA THR B 454 -1.04 11.26 -4.40
C THR B 454 -0.19 12.51 -4.64
N LEU B 455 -0.75 13.68 -4.35
CA LEU B 455 -0.06 14.93 -4.60
C LEU B 455 1.06 15.20 -3.60
N LEU B 456 1.09 14.46 -2.49
CA LEU B 456 2.22 14.59 -1.58
C LEU B 456 3.51 14.10 -2.22
N ASN B 457 3.41 13.06 -3.06
CA ASN B 457 4.56 12.49 -3.75
C ASN B 457 5.05 13.35 -4.90
N PHE B 458 4.52 14.57 -5.05
CA PHE B 458 4.95 15.51 -6.08
C PHE B 458 5.34 16.86 -5.49
N LYS B 459 5.81 16.86 -4.24
CA LYS B 459 6.12 18.11 -3.53
C LYS B 459 7.46 18.71 -3.93
N ASN B 460 8.28 18.00 -4.71
CA ASN B 460 9.61 18.51 -5.03
C ASN B 460 9.61 19.45 -6.23
N LEU B 461 8.80 19.16 -7.25
CA LEU B 461 8.83 19.97 -8.47
C LEU B 461 8.48 21.43 -8.18
N PRO B 462 9.00 22.36 -8.97
CA PRO B 462 8.85 23.81 -8.69
C PRO B 462 7.39 24.24 -8.60
N PRO B 463 7.12 25.35 -7.86
CA PRO B 463 5.74 25.78 -7.57
C PRO B 463 4.78 25.83 -8.74
N ASP B 464 5.06 26.64 -9.76
CA ASP B 464 4.11 26.76 -10.88
C ASP B 464 3.82 25.41 -11.51
N ALA B 465 4.82 24.52 -11.53
CA ALA B 465 4.58 23.16 -11.99
C ALA B 465 3.72 22.38 -11.01
N PHE B 466 3.82 22.68 -9.71
CA PHE B 466 3.00 22.00 -8.72
C PHE B 466 1.53 22.34 -8.86
N TYR B 467 1.22 23.57 -9.28
CA TYR B 467 -0.17 23.91 -9.54
C TYR B 467 -0.73 23.07 -10.67
N GLN B 468 0.10 22.73 -11.66
CA GLN B 468 -0.37 21.90 -12.76
C GLN B 468 -0.75 20.50 -12.28
N LYS B 469 0.10 19.89 -11.46
CA LYS B 469 -0.22 18.57 -10.92
C LYS B 469 -1.45 18.61 -10.02
N VAL B 470 -1.62 19.68 -9.25
CA VAL B 470 -2.77 19.79 -8.35
C VAL B 470 -4.07 19.81 -9.14
N GLU B 471 -4.15 20.66 -10.16
CA GLU B 471 -5.33 20.68 -11.03
C GLU B 471 -5.48 19.34 -11.74
N GLU B 472 -4.36 18.73 -12.13
CA GLU B 472 -4.38 17.43 -12.79
C GLU B 472 -5.06 16.39 -11.90
N VAL B 473 -4.69 16.32 -10.63
CA VAL B 473 -5.25 15.33 -9.73
C VAL B 473 -6.59 15.80 -9.14
N PHE B 474 -6.78 17.11 -8.99
CA PHE B 474 -7.95 17.67 -8.32
C PHE B 474 -8.36 18.97 -9.01
N PRO B 475 -9.06 18.88 -10.16
CA PRO B 475 -9.51 20.02 -10.97
C PRO B 475 -10.19 21.14 -10.19
#